data_4YJH
#
_entry.id   4YJH
#
_cell.length_a   68.281
_cell.length_b   91.202
_cell.length_c   110.007
_cell.angle_alpha   90.00
_cell.angle_beta   90.00
_cell.angle_gamma   90.00
#
_symmetry.space_group_name_H-M   'P 21 21 21'
#
loop_
_entity.id
_entity.type
_entity.pdbx_description
1 polymer 'D-amino-acid oxidase'
2 polymer 'D-amino-acid oxidase'
3 non-polymer (2R)-2-phenylpyrrolidine
4 non-polymer 'FLAVIN-ADENINE DINUCLEOTIDE'
5 non-polymer 'SULFATE ION'
6 water water
#
loop_
_entity_poly.entity_id
_entity_poly.type
_entity_poly.pdbx_seq_one_letter_code
_entity_poly.pdbx_strand_id
1 'polypeptide(L)'
;MRVVVIGAGVIGLSTALCIHERYHSVLQPLDVKVYADRFTPFTTTDVAAGLWQPYTSEPSNPQEANWNQQTFNYLLSHIG
SPNAANMGLTPVSGYNLFREAVPDPYWKDMVLGFRKLTPRELDMFPDYRYGWFNTSLILEGRKYLQWLTERLTERGVKFF
LRKVESFEEVARGGADVIINCTGVWAGVLQPDPLLQPGRGQIIKVDAPWLKNFIITHDLERGIYNSPLIIPGLQAVTLGG
TFQVGNWNEINNIQDHNTIWEGCCRLEPTLKDAKIVGEYTGFGPVRPQVRLEREQLRFGSSNTEVIHNYGHGGYGLTIHW
GCALEVAKLFGKVLEERNLLAA
;
A
2 'polypeptide(L)'
;MRVVVIGAGVIGLSTALCIHERYHSVLQPLDVKVYADRFTPFTTTDVAAGLWQPYTSEPSNPQEANWNQQTFNYLLSHIG
SPNAANMGLTPVSGYNLFREAVPDPYWKDMVLGFRKLTPRELDMFPDYRYGWFNTSLILEGRKYLQWLTERLTERGVKFF
LRKVESFEEVARGGADVIINCTGVWAGVLQPDPLLQPGRGQIIKVDAPWLKNFIITHDLERGIYNSPLIIPGLQAVTLGG
TFQVGNWNEINNIQDHNTIWEGCCRLEPTLKDAKIVGEYTGFGPVRPQVRLEREQLRFGSSNTEVIHNYGHGGYGLTIHW
GCALEVAKLFGKVLEERNLL
;
B
#
loop_
_chem_comp.id
_chem_comp.type
_chem_comp.name
_chem_comp.formula
96B non-polymer (2R)-2-phenylpyrrolidine 'C10 H13 N'
FAD non-polymer 'FLAVIN-ADENINE DINUCLEOTIDE' 'C27 H33 N9 O15 P2'
SO4 non-polymer 'SULFATE ION' 'O4 S -2'
#
# COMPACT_ATOMS: atom_id res chain seq x y z
N MET A 1 -32.71 -18.13 -25.22
CA MET A 1 -32.19 -17.82 -26.57
C MET A 1 -30.69 -18.00 -26.60
N ARG A 2 -30.09 -17.94 -27.78
CA ARG A 2 -28.67 -18.27 -27.93
C ARG A 2 -27.85 -16.99 -28.07
N VAL A 3 -27.01 -16.72 -27.07
CA VAL A 3 -26.15 -15.55 -27.07
C VAL A 3 -24.67 -15.93 -27.15
N VAL A 4 -23.99 -15.43 -28.19
CA VAL A 4 -22.53 -15.55 -28.27
C VAL A 4 -21.88 -14.21 -27.97
N VAL A 5 -21.10 -14.16 -26.90
CA VAL A 5 -20.19 -13.03 -26.63
C VAL A 5 -18.83 -13.28 -27.28
N ILE A 6 -18.39 -12.40 -28.17
CA ILE A 6 -17.04 -12.50 -28.73
C ILE A 6 -16.07 -11.62 -27.94
N GLY A 7 -15.19 -12.27 -27.18
CA GLY A 7 -14.15 -11.57 -26.43
C GLY A 7 -14.08 -12.09 -25.01
N ALA A 8 -12.87 -12.39 -24.54
CA ALA A 8 -12.67 -12.89 -23.18
C ALA A 8 -11.76 -11.97 -22.38
N GLY A 9 -11.62 -10.73 -22.84
CA GLY A 9 -11.01 -9.66 -22.05
C GLY A 9 -12.00 -9.17 -21.01
N VAL A 10 -11.65 -8.13 -20.26
CA VAL A 10 -12.52 -7.68 -19.20
C VAL A 10 -13.92 -7.37 -19.69
N ILE A 11 -14.05 -6.83 -20.89
CA ILE A 11 -15.35 -6.39 -21.39
C ILE A 11 -16.23 -7.58 -21.73
N GLY A 12 -15.67 -8.55 -22.44
CA GLY A 12 -16.39 -9.79 -22.74
C GLY A 12 -16.96 -10.48 -21.51
N LEU A 13 -16.10 -10.81 -20.55
CA LEU A 13 -16.51 -11.68 -19.45
C LEU A 13 -17.49 -10.96 -18.52
N SER A 14 -17.20 -9.70 -18.20
CA SER A 14 -18.10 -8.81 -17.47
C SER A 14 -19.50 -8.87 -18.03
N THR A 15 -19.57 -8.63 -19.33
CA THR A 15 -20.82 -8.44 -20.02
C THR A 15 -21.54 -9.77 -20.00
N ALA A 16 -20.79 -10.84 -20.19
CA ALA A 16 -21.34 -12.20 -20.22
C ALA A 16 -21.98 -12.55 -18.87
N LEU A 17 -21.26 -12.26 -17.80
CA LEU A 17 -21.74 -12.58 -16.45
C LEU A 17 -22.93 -11.74 -16.12
N CYS A 18 -22.87 -10.45 -16.43
CA CYS A 18 -23.97 -9.56 -16.10
C CYS A 18 -25.23 -10.03 -16.79
N ILE A 19 -25.11 -10.41 -18.06
CA ILE A 19 -26.27 -10.83 -18.82
C ILE A 19 -26.82 -12.09 -18.18
N HIS A 20 -25.95 -13.03 -17.85
CA HIS A 20 -26.40 -14.27 -17.27
C HIS A 20 -27.07 -14.02 -15.93
N GLU A 21 -26.47 -13.22 -15.07
CA GLU A 21 -27.03 -12.99 -13.74
C GLU A 21 -28.37 -12.29 -13.81
N ARG A 22 -28.59 -11.46 -14.82
CA ARG A 22 -29.84 -10.73 -14.91
C ARG A 22 -30.97 -11.58 -15.49
N TYR A 23 -30.63 -12.44 -16.46
CA TYR A 23 -31.67 -13.11 -17.24
C TYR A 23 -31.73 -14.64 -17.12
N HIS A 24 -30.81 -15.28 -16.40
CA HIS A 24 -30.85 -16.74 -16.24
C HIS A 24 -32.21 -17.16 -15.69
N SER A 25 -32.67 -16.42 -14.69
CA SER A 25 -33.86 -16.81 -13.95
C SER A 25 -35.16 -16.56 -14.70
N VAL A 26 -35.14 -15.70 -15.73
CA VAL A 26 -36.38 -15.30 -16.39
C VAL A 26 -36.53 -15.83 -17.81
N LEU A 27 -35.41 -16.16 -18.42
CA LEU A 27 -35.40 -16.76 -19.73
C LEU A 27 -35.02 -18.20 -19.61
N GLN A 28 -35.70 -19.07 -20.35
CA GLN A 28 -35.43 -20.49 -20.33
C GLN A 28 -35.77 -21.02 -21.72
N PRO A 29 -34.81 -21.63 -22.42
CA PRO A 29 -33.43 -21.72 -21.99
C PRO A 29 -32.74 -20.43 -22.34
N LEU A 30 -31.66 -20.13 -21.63
CA LEU A 30 -30.78 -19.06 -22.01
C LEU A 30 -29.43 -19.74 -22.11
N ASP A 31 -28.84 -19.65 -23.29
CA ASP A 31 -27.57 -20.31 -23.58
C ASP A 31 -26.57 -19.22 -23.97
N VAL A 32 -25.59 -19.01 -23.10
CA VAL A 32 -24.59 -17.98 -23.30
C VAL A 32 -23.25 -18.66 -23.52
N LYS A 33 -22.56 -18.29 -24.59
CA LYS A 33 -21.25 -18.83 -24.87
C LYS A 33 -20.29 -17.69 -25.18
N VAL A 34 -19.02 -17.93 -24.86
CA VAL A 34 -17.95 -16.96 -25.11
C VAL A 34 -17.04 -17.57 -26.16
N TYR A 35 -16.83 -16.83 -27.25
CA TYR A 35 -15.80 -17.16 -28.24
C TYR A 35 -14.67 -16.11 -28.14
N ALA A 36 -13.42 -16.55 -28.16
CA ALA A 36 -12.28 -15.64 -28.29
C ALA A 36 -11.04 -16.39 -28.80
N ASP A 37 -10.10 -15.64 -29.37
CA ASP A 37 -8.85 -16.21 -29.85
C ASP A 37 -7.68 -16.01 -28.88
N ARG A 38 -7.93 -15.32 -27.77
CA ARG A 38 -7.03 -15.36 -26.60
C ARG A 38 -7.74 -15.14 -25.28
N PHE A 39 -7.28 -15.85 -24.27
CA PHE A 39 -7.80 -15.80 -22.90
C PHE A 39 -6.65 -15.40 -21.99
N THR A 40 -6.95 -15.14 -20.72
CA THR A 40 -5.89 -14.83 -19.75
C THR A 40 -4.87 -15.94 -19.73
N PRO A 41 -3.59 -15.59 -19.53
CA PRO A 41 -3.07 -14.24 -19.38
C PRO A 41 -2.66 -13.53 -20.67
N PHE A 42 -3.34 -13.80 -21.79
CA PHE A 42 -2.91 -13.24 -23.09
C PHE A 42 -3.74 -12.12 -23.68
N THR A 43 -4.56 -11.47 -22.87
CA THR A 43 -5.36 -10.37 -23.37
C THR A 43 -4.71 -9.04 -23.00
N THR A 44 -5.20 -7.96 -23.59
CA THR A 44 -4.74 -6.62 -23.24
C THR A 44 -5.11 -6.31 -21.78
N THR A 45 -6.25 -6.82 -21.35
CA THR A 45 -6.68 -6.66 -19.96
C THR A 45 -5.58 -7.14 -19.00
N ASP A 46 -4.92 -8.24 -19.33
CA ASP A 46 -3.84 -8.78 -18.48
C ASP A 46 -2.66 -7.87 -18.32
N VAL A 47 -2.45 -7.01 -19.30
CA VAL A 47 -1.33 -6.14 -19.29
C VAL A 47 -1.64 -4.85 -18.58
N ALA A 48 -2.93 -4.63 -18.29
CA ALA A 48 -3.37 -3.38 -17.70
C ALA A 48 -2.74 -3.17 -16.33
N ALA A 49 -2.29 -1.94 -16.11
CA ALA A 49 -1.70 -1.53 -14.84
C ALA A 49 -2.55 -1.94 -13.63
N GLY A 50 -3.87 -1.92 -13.79
CA GLY A 50 -4.79 -2.40 -12.80
C GLY A 50 -5.26 -1.36 -11.80
N LEU A 51 -5.65 -0.17 -12.26
CA LEU A 51 -6.08 0.88 -11.35
C LEU A 51 -7.34 1.61 -11.80
N TRP A 52 -8.21 1.93 -10.85
CA TRP A 52 -9.41 2.68 -11.17
C TRP A 52 -9.07 4.16 -11.21
N GLN A 53 -9.11 4.72 -12.41
CA GLN A 53 -8.95 6.14 -12.62
C GLN A 53 -9.26 6.49 -14.07
N PRO A 54 -10.28 7.31 -14.30
CA PRO A 54 -10.55 7.81 -15.65
C PRO A 54 -9.50 8.82 -16.12
N TYR A 55 -9.65 9.26 -17.36
CA TYR A 55 -8.83 10.34 -17.86
C TYR A 55 -9.09 11.63 -17.05
N THR A 56 -8.09 12.51 -17.02
CA THR A 56 -8.18 13.75 -16.25
C THR A 56 -9.20 14.73 -16.86
N SER A 57 -9.29 14.73 -18.19
CA SER A 57 -10.21 15.61 -18.89
C SER A 57 -11.58 14.94 -18.99
N GLU A 58 -12.64 15.73 -19.12
CA GLU A 58 -14.00 15.15 -19.17
C GLU A 58 -14.18 14.34 -20.46
N PRO A 59 -15.09 13.34 -20.43
CA PRO A 59 -15.28 12.52 -21.62
C PRO A 59 -16.26 13.15 -22.60
N SER A 60 -16.15 12.73 -23.86
CA SER A 60 -16.97 13.24 -24.96
C SER A 60 -18.43 12.85 -24.81
N ASN A 61 -18.65 11.57 -24.49
CA ASN A 61 -19.93 11.07 -24.05
C ASN A 61 -19.99 11.09 -22.52
N PRO A 62 -20.86 11.94 -21.97
CA PRO A 62 -20.97 12.02 -20.53
C PRO A 62 -21.49 10.74 -19.90
N GLN A 63 -22.07 9.84 -20.68
CA GLN A 63 -22.55 8.56 -20.15
C GLN A 63 -21.42 7.79 -19.50
N GLU A 64 -20.22 7.98 -20.02
CA GLU A 64 -19.05 7.22 -19.60
C GLU A 64 -18.65 7.58 -18.18
N ALA A 65 -18.88 8.85 -17.81
CA ALA A 65 -18.78 9.27 -16.43
C ALA A 65 -19.64 8.42 -15.52
N ASN A 66 -20.89 8.23 -15.88
CA ASN A 66 -21.81 7.41 -15.10
C ASN A 66 -21.33 5.98 -15.05
N TRP A 67 -20.90 5.46 -16.19
CA TRP A 67 -20.42 4.09 -16.24
C TRP A 67 -19.20 3.89 -15.38
N ASN A 68 -18.36 4.92 -15.29
CA ASN A 68 -17.21 4.86 -14.40
C ASN A 68 -17.66 4.83 -12.97
N GLN A 69 -18.53 5.77 -12.62
CA GLN A 69 -19.14 5.82 -11.30
C GLN A 69 -19.77 4.50 -10.89
N GLN A 70 -20.61 3.94 -11.74
CA GLN A 70 -21.26 2.67 -11.42
C GLN A 70 -20.20 1.64 -11.15
N THR A 71 -19.16 1.64 -11.98
CA THR A 71 -18.09 0.66 -11.82
C THR A 71 -17.47 0.82 -10.45
N PHE A 72 -17.19 2.06 -10.04
CA PHE A 72 -16.53 2.28 -8.76
C PHE A 72 -17.35 1.76 -7.60
N ASN A 73 -18.63 2.16 -7.55
CA ASN A 73 -19.49 1.77 -6.43
C ASN A 73 -19.76 0.29 -6.38
N TYR A 74 -19.91 -0.31 -7.55
CA TYR A 74 -19.96 -1.74 -7.65
C TYR A 74 -18.74 -2.37 -6.93
N LEU A 75 -17.55 -1.96 -7.37
CA LEU A 75 -16.31 -2.55 -6.87
C LEU A 75 -16.16 -2.24 -5.39
N LEU A 76 -16.51 -1.02 -4.99
CA LEU A 76 -16.37 -0.63 -3.60
C LEU A 76 -17.22 -1.52 -2.70
N SER A 77 -18.41 -1.86 -3.18
CA SER A 77 -19.38 -2.62 -2.38
C SER A 77 -18.87 -4.01 -2.03
N HIS A 78 -17.81 -4.45 -2.71
CA HIS A 78 -17.18 -5.74 -2.42
C HIS A 78 -16.08 -5.66 -1.35
N ILE A 79 -15.56 -4.46 -1.11
CA ILE A 79 -14.55 -4.27 -0.08
C ILE A 79 -15.16 -4.54 1.30
N GLY A 80 -14.61 -5.50 2.02
CA GLY A 80 -15.25 -5.98 3.25
C GLY A 80 -15.63 -7.45 3.10
N SER A 81 -15.86 -7.87 1.87
CA SER A 81 -16.15 -9.27 1.59
C SER A 81 -14.90 -10.11 1.63
N PRO A 82 -15.05 -11.38 2.01
CA PRO A 82 -13.88 -12.25 2.05
C PRO A 82 -13.17 -12.43 0.72
N ASN A 83 -13.91 -12.33 -0.37
CA ASN A 83 -13.36 -12.70 -1.68
C ASN A 83 -12.81 -11.54 -2.51
N ALA A 84 -12.74 -10.35 -1.91
CA ALA A 84 -12.23 -9.18 -2.61
C ALA A 84 -10.90 -9.43 -3.32
N ALA A 85 -9.90 -9.92 -2.62
CA ALA A 85 -8.56 -10.10 -3.23
C ALA A 85 -8.53 -11.18 -4.30
N ASN A 86 -9.33 -12.22 -4.12
CA ASN A 86 -9.49 -13.27 -5.15
C ASN A 86 -10.06 -12.74 -6.46
N MET A 87 -10.86 -11.68 -6.35
CA MET A 87 -11.37 -10.99 -7.51
C MET A 87 -10.31 -10.08 -8.12
N GLY A 88 -9.20 -9.88 -7.42
CA GLY A 88 -8.13 -8.96 -7.86
C GLY A 88 -8.37 -7.52 -7.41
N LEU A 89 -9.04 -7.38 -6.28
CA LEU A 89 -9.57 -6.11 -5.83
C LEU A 89 -9.04 -5.76 -4.44
N THR A 90 -8.51 -4.54 -4.30
CA THR A 90 -8.04 -4.06 -3.00
C THR A 90 -7.87 -2.55 -3.03
N PRO A 91 -8.11 -1.87 -1.90
CA PRO A 91 -7.97 -0.40 -1.94
C PRO A 91 -6.51 0.04 -2.04
N VAL A 92 -6.27 1.16 -2.73
CA VAL A 92 -4.95 1.81 -2.78
C VAL A 92 -5.10 3.30 -2.78
N SER A 93 -4.13 3.96 -2.16
CA SER A 93 -4.11 5.39 -2.13
C SER A 93 -2.93 5.84 -2.94
N GLY A 94 -2.97 7.08 -3.43
CA GLY A 94 -1.86 7.58 -4.20
C GLY A 94 -1.99 8.98 -4.70
N TYR A 95 -1.09 9.30 -5.61
CA TYR A 95 -0.77 10.69 -5.94
C TYR A 95 -0.90 10.90 -7.44
N ASN A 96 -1.47 12.03 -7.80
CA ASN A 96 -1.41 12.51 -9.18
C ASN A 96 -0.60 13.81 -9.19
N LEU A 97 0.40 13.85 -10.08
CA LEU A 97 1.41 14.91 -10.06
C LEU A 97 1.45 15.68 -11.37
N PHE A 98 1.41 17.00 -11.23
CA PHE A 98 1.38 17.94 -12.33
C PHE A 98 2.48 18.99 -12.12
N ARG A 99 2.98 19.56 -13.21
CA ARG A 99 3.99 20.59 -13.13
C ARG A 99 3.39 21.96 -12.90
N GLU A 100 2.06 22.03 -12.90
CA GLU A 100 1.38 23.29 -12.72
C GLU A 100 -0.05 23.05 -12.29
N ALA A 101 -0.70 24.11 -11.83
CA ALA A 101 -2.07 23.99 -11.37
C ALA A 101 -2.97 23.48 -12.51
N VAL A 102 -4.02 22.73 -12.14
CA VAL A 102 -5.00 22.21 -13.10
C VAL A 102 -6.37 22.15 -12.44
N PRO A 103 -7.44 22.09 -13.25
CA PRO A 103 -8.75 21.93 -12.63
C PRO A 103 -8.89 20.58 -11.94
N ASP A 104 -9.77 20.53 -10.96
CA ASP A 104 -10.13 19.26 -10.36
C ASP A 104 -10.74 18.34 -11.43
N PRO A 105 -10.50 17.03 -11.32
CA PRO A 105 -11.01 16.11 -12.33
C PRO A 105 -12.48 15.85 -12.07
N TYR A 106 -13.21 15.49 -13.12
CA TYR A 106 -14.65 15.26 -12.97
C TYR A 106 -14.97 14.16 -11.96
N TRP A 107 -14.00 13.29 -11.68
CA TRP A 107 -14.23 12.11 -10.84
C TRP A 107 -13.81 12.30 -9.40
N LYS A 108 -13.44 13.53 -9.04
CA LYS A 108 -12.99 13.84 -7.68
C LYS A 108 -13.92 13.35 -6.57
N ASP A 109 -15.22 13.39 -6.80
CA ASP A 109 -16.17 12.99 -5.78
C ASP A 109 -16.44 11.48 -5.79
N MET A 110 -16.10 10.83 -6.90
CA MET A 110 -16.33 9.39 -7.04
C MET A 110 -15.30 8.61 -6.22
N VAL A 111 -14.05 9.03 -6.28
CA VAL A 111 -13.02 8.42 -5.46
C VAL A 111 -13.24 8.77 -3.99
N LEU A 112 -12.29 8.36 -3.16
CA LEU A 112 -12.35 8.52 -1.70
C LEU A 112 -11.29 9.51 -1.21
N GLY A 113 -11.75 10.58 -0.56
CA GLY A 113 -10.86 11.50 0.05
C GLY A 113 -10.00 12.27 -0.92
N PHE A 114 -10.57 12.63 -2.06
CA PHE A 114 -9.85 13.53 -2.94
C PHE A 114 -9.48 14.81 -2.18
N ARG A 115 -8.25 15.24 -2.36
CA ARG A 115 -7.83 16.56 -1.89
C ARG A 115 -6.57 16.96 -2.61
N LYS A 116 -6.19 18.23 -2.47
CA LYS A 116 -4.99 18.75 -3.13
C LYS A 116 -3.81 18.43 -2.24
N LEU A 117 -2.64 18.27 -2.84
CA LEU A 117 -1.44 17.99 -2.07
C LEU A 117 -0.97 19.24 -1.33
N THR A 118 -0.36 19.05 -0.16
CA THR A 118 0.23 20.12 0.64
C THR A 118 1.71 20.24 0.33
N PRO A 119 2.30 21.43 0.57
CA PRO A 119 3.72 21.72 0.31
C PRO A 119 4.70 20.64 0.78
N ARG A 120 4.39 19.99 1.90
CA ARG A 120 5.22 18.91 2.43
C ARG A 120 5.16 17.66 1.55
N GLU A 121 3.94 17.29 1.15
CA GLU A 121 3.73 16.13 0.30
C GLU A 121 4.49 16.32 -1.01
N LEU A 122 4.47 17.56 -1.51
CA LEU A 122 5.18 17.88 -2.75
C LEU A 122 6.68 17.77 -2.60
N ASP A 123 7.19 17.95 -1.38
CA ASP A 123 8.63 17.76 -1.15
C ASP A 123 9.08 16.34 -1.45
N MET A 124 8.14 15.40 -1.43
CA MET A 124 8.46 14.01 -1.73
C MET A 124 8.74 13.82 -3.22
N PHE A 125 8.20 14.75 -4.03
CA PHE A 125 8.25 14.67 -5.48
C PHE A 125 8.88 15.95 -6.05
N PRO A 126 10.21 16.02 -6.00
CA PRO A 126 10.98 17.20 -6.39
C PRO A 126 10.53 17.83 -7.70
N ASP A 127 10.25 17.02 -8.71
CA ASP A 127 10.01 17.52 -10.05
C ASP A 127 8.62 18.17 -10.26
N TYR A 128 7.75 18.13 -9.24
CA TYR A 128 6.35 18.55 -9.45
C TYR A 128 5.91 19.59 -8.47
N ARG A 129 4.94 20.40 -8.88
CA ARG A 129 4.58 21.61 -8.16
C ARG A 129 3.10 21.63 -7.74
N TYR A 130 2.33 20.66 -8.22
CA TYR A 130 0.91 20.62 -7.90
C TYR A 130 0.44 19.18 -8.05
N GLY A 131 -0.58 18.79 -7.30
CA GLY A 131 -1.17 17.47 -7.49
C GLY A 131 -2.31 17.11 -6.54
N TRP A 132 -2.76 15.86 -6.63
CA TRP A 132 -3.89 15.40 -5.83
C TRP A 132 -3.49 14.21 -4.98
N PHE A 133 -4.25 13.99 -3.92
CA PHE A 133 -4.21 12.71 -3.22
C PHE A 133 -5.59 12.14 -3.25
N ASN A 134 -5.69 10.82 -3.39
CA ASN A 134 -6.98 10.16 -3.20
C ASN A 134 -6.85 8.68 -3.01
N THR A 135 -7.95 8.06 -2.63
CA THR A 135 -7.96 6.64 -2.42
C THR A 135 -8.85 6.03 -3.48
N SER A 136 -8.41 4.92 -4.05
CA SER A 136 -9.13 4.27 -5.12
C SER A 136 -8.96 2.77 -4.97
N LEU A 137 -9.21 2.04 -6.05
CA LEU A 137 -9.17 0.59 -6.02
C LEU A 137 -8.23 0.04 -7.11
N ILE A 138 -7.50 -1.01 -6.75
CA ILE A 138 -6.81 -1.86 -7.70
C ILE A 138 -7.86 -2.85 -8.23
N LEU A 139 -7.92 -3.02 -9.55
CA LEU A 139 -8.62 -4.17 -10.13
C LEU A 139 -7.61 -4.85 -11.03
N GLU A 140 -6.92 -5.87 -10.52
CA GLU A 140 -5.93 -6.56 -11.32
C GLU A 140 -6.61 -7.42 -12.37
N GLY A 141 -6.30 -7.14 -13.64
CA GLY A 141 -7.03 -7.72 -14.76
C GLY A 141 -6.86 -9.20 -14.88
N ARG A 142 -5.63 -9.66 -14.72
CA ARG A 142 -5.28 -11.06 -14.76
C ARG A 142 -6.08 -11.83 -13.72
N LYS A 143 -6.14 -11.32 -12.49
CA LYS A 143 -6.87 -11.99 -11.44
C LYS A 143 -8.39 -11.93 -11.64
N TYR A 144 -8.86 -10.80 -12.13
CA TYR A 144 -10.28 -10.55 -12.27
C TYR A 144 -10.81 -11.41 -13.41
N LEU A 145 -9.99 -11.54 -14.45
CA LEU A 145 -10.29 -12.48 -15.51
C LEU A 145 -10.40 -13.90 -14.95
N GLN A 146 -9.46 -14.33 -14.14
CA GLN A 146 -9.58 -15.66 -13.53
C GLN A 146 -10.85 -15.81 -12.70
N TRP A 147 -11.21 -14.77 -11.96
CA TRP A 147 -12.42 -14.82 -11.13
C TRP A 147 -13.67 -14.96 -12.00
N LEU A 148 -13.74 -14.15 -13.04
CA LEU A 148 -14.92 -14.12 -13.88
C LEU A 148 -15.09 -15.42 -14.62
N THR A 149 -14.00 -15.96 -15.16
CA THR A 149 -14.16 -17.19 -15.91
C THR A 149 -14.64 -18.29 -14.96
N GLU A 150 -14.14 -18.32 -13.74
CA GLU A 150 -14.61 -19.31 -12.76
C GLU A 150 -16.09 -19.10 -12.46
N ARG A 151 -16.48 -17.84 -12.30
CA ARG A 151 -17.84 -17.51 -11.94
C ARG A 151 -18.76 -17.88 -13.12
N LEU A 152 -18.27 -17.62 -14.32
CA LEU A 152 -19.00 -17.96 -15.54
C LEU A 152 -19.13 -19.47 -15.68
N THR A 153 -18.01 -20.17 -15.60
CA THR A 153 -17.98 -21.62 -15.62
C THR A 153 -18.96 -22.28 -14.63
N GLU A 154 -19.04 -21.79 -13.39
CA GLU A 154 -19.94 -22.34 -12.37
C GLU A 154 -21.42 -22.28 -12.75
N ARG A 155 -21.74 -21.36 -13.66
CA ARG A 155 -23.12 -21.11 -14.05
C ARG A 155 -23.42 -21.76 -15.40
N GLY A 156 -22.48 -22.53 -15.90
CA GLY A 156 -22.67 -23.32 -17.10
C GLY A 156 -22.39 -22.60 -18.40
N VAL A 157 -21.85 -21.39 -18.33
CA VAL A 157 -21.47 -20.66 -19.54
C VAL A 157 -20.23 -21.35 -20.10
N LYS A 158 -20.16 -21.51 -21.42
CA LYS A 158 -19.11 -22.30 -22.03
C LYS A 158 -18.19 -21.49 -22.94
N PHE A 159 -16.90 -21.83 -22.90
CA PHE A 159 -15.85 -21.07 -23.57
C PHE A 159 -15.28 -21.84 -24.74
N PHE A 160 -15.07 -21.14 -25.86
CA PHE A 160 -14.55 -21.76 -27.06
C PHE A 160 -13.42 -20.94 -27.66
N LEU A 161 -12.27 -21.59 -27.85
CA LEU A 161 -11.14 -21.01 -28.60
C LEU A 161 -11.54 -20.97 -30.06
N ARG A 162 -11.54 -19.77 -30.64
CA ARG A 162 -12.08 -19.56 -31.98
C ARG A 162 -11.69 -18.17 -32.43
N LYS A 163 -11.12 -18.05 -33.62
CA LYS A 163 -10.98 -16.76 -34.26
C LYS A 163 -12.18 -16.54 -35.16
N VAL A 164 -13.01 -15.56 -34.83
CA VAL A 164 -14.20 -15.27 -35.59
C VAL A 164 -13.82 -14.48 -36.83
N GLU A 165 -14.34 -14.92 -37.96
CA GLU A 165 -13.95 -14.35 -39.25
C GLU A 165 -14.99 -13.34 -39.66
N SER A 166 -16.24 -13.55 -39.26
CA SER A 166 -17.32 -12.61 -39.52
C SER A 166 -18.50 -12.80 -38.56
N PHE A 167 -19.35 -11.78 -38.48
CA PHE A 167 -20.57 -11.89 -37.69
C PHE A 167 -21.53 -12.88 -38.34
N GLU A 168 -21.48 -12.95 -39.66
CA GLU A 168 -22.32 -13.88 -40.43
C GLU A 168 -22.12 -15.34 -40.00
N GLU A 169 -20.87 -15.79 -40.00
CA GLU A 169 -20.56 -17.15 -39.63
C GLU A 169 -21.18 -17.54 -38.28
N VAL A 170 -21.12 -16.63 -37.32
CA VAL A 170 -21.54 -16.90 -35.95
C VAL A 170 -23.05 -16.93 -35.88
N ALA A 171 -23.67 -16.02 -36.62
CA ALA A 171 -25.12 -15.99 -36.72
C ALA A 171 -25.60 -17.28 -37.38
N ARG A 172 -24.95 -17.64 -38.47
CA ARG A 172 -25.31 -18.86 -39.19
C ARG A 172 -25.08 -20.11 -38.36
N GLY A 173 -24.12 -20.06 -37.44
CA GLY A 173 -23.95 -21.14 -36.48
C GLY A 173 -25.08 -21.19 -35.45
N GLY A 174 -25.99 -20.22 -35.50
CA GLY A 174 -27.21 -20.25 -34.70
C GLY A 174 -27.26 -19.29 -33.54
N ALA A 175 -26.62 -18.14 -33.66
CA ALA A 175 -26.66 -17.14 -32.60
C ALA A 175 -27.80 -16.17 -32.86
N ASP A 176 -28.63 -15.98 -31.84
CA ASP A 176 -29.74 -15.04 -31.91
C ASP A 176 -29.24 -13.62 -31.63
N VAL A 177 -28.34 -13.51 -30.65
CA VAL A 177 -27.73 -12.24 -30.31
C VAL A 177 -26.22 -12.40 -30.22
N ILE A 178 -25.51 -11.38 -30.70
CA ILE A 178 -24.04 -11.36 -30.62
C ILE A 178 -23.59 -10.12 -29.86
N ILE A 179 -22.78 -10.32 -28.82
CA ILE A 179 -22.22 -9.21 -28.07
C ILE A 179 -20.79 -9.05 -28.54
N ASN A 180 -20.48 -7.92 -29.15
CA ASN A 180 -19.17 -7.72 -29.76
C ASN A 180 -18.20 -7.04 -28.79
N CYS A 181 -17.33 -7.83 -28.17
CA CYS A 181 -16.43 -7.33 -27.15
C CYS A 181 -14.99 -7.66 -27.57
N THR A 182 -14.63 -7.20 -28.76
CA THR A 182 -13.41 -7.63 -29.41
C THR A 182 -12.28 -6.63 -29.28
N GLY A 183 -12.46 -5.62 -28.42
CA GLY A 183 -11.37 -4.69 -28.12
C GLY A 183 -10.88 -3.97 -29.35
N VAL A 184 -9.56 -3.91 -29.51
CA VAL A 184 -8.94 -3.09 -30.56
C VAL A 184 -9.07 -3.74 -31.94
N TRP A 185 -9.41 -5.03 -31.96
CA TRP A 185 -9.53 -5.75 -33.24
C TRP A 185 -10.92 -5.76 -33.85
N ALA A 186 -11.85 -4.99 -33.28
CA ALA A 186 -13.24 -4.94 -33.76
C ALA A 186 -13.33 -4.60 -35.24
N GLY A 187 -12.39 -3.79 -35.73
CA GLY A 187 -12.35 -3.40 -37.15
C GLY A 187 -12.25 -4.56 -38.13
N VAL A 188 -11.81 -5.72 -37.65
CA VAL A 188 -11.74 -6.87 -38.51
C VAL A 188 -13.16 -7.38 -38.87
N LEU A 189 -14.12 -7.20 -37.97
CA LEU A 189 -15.47 -7.71 -38.20
C LEU A 189 -16.39 -6.67 -38.79
N GLN A 190 -15.96 -5.42 -38.74
CA GLN A 190 -16.72 -4.31 -39.30
C GLN A 190 -15.82 -3.08 -39.25
N PRO A 191 -15.39 -2.60 -40.41
CA PRO A 191 -14.47 -1.47 -40.34
C PRO A 191 -14.98 -0.38 -39.42
N ASP A 192 -14.10 0.16 -38.59
CA ASP A 192 -14.43 1.32 -37.79
C ASP A 192 -13.15 2.13 -37.61
N PRO A 193 -12.89 3.03 -38.55
CA PRO A 193 -11.64 3.79 -38.56
C PRO A 193 -11.50 4.80 -37.42
N LEU A 194 -12.51 4.93 -36.57
CA LEU A 194 -12.36 5.69 -35.32
C LEU A 194 -11.61 4.92 -34.25
N LEU A 195 -11.40 3.63 -34.48
CA LEU A 195 -10.77 2.79 -33.48
C LEU A 195 -9.29 2.61 -33.82
N GLN A 196 -8.43 2.98 -32.88
CA GLN A 196 -6.99 2.89 -33.07
C GLN A 196 -6.30 2.25 -31.87
N PRO A 197 -5.18 1.55 -32.11
CA PRO A 197 -4.52 0.95 -30.97
C PRO A 197 -3.76 2.00 -30.19
N GLY A 198 -3.89 1.95 -28.88
CA GLY A 198 -3.12 2.81 -27.99
C GLY A 198 -2.05 1.94 -27.39
N ARG A 199 -0.91 1.93 -28.05
CA ARG A 199 0.15 1.03 -27.66
C ARG A 199 0.75 1.53 -26.37
N GLY A 200 0.70 0.70 -25.34
CA GLY A 200 1.35 0.97 -24.08
C GLY A 200 2.29 -0.15 -23.70
N GLN A 201 3.48 0.21 -23.25
CA GLN A 201 4.47 -0.76 -22.78
C GLN A 201 4.61 -0.62 -21.28
N ILE A 202 4.88 -1.73 -20.60
CA ILE A 202 5.01 -1.71 -19.14
C ILE A 202 6.11 -2.64 -18.68
N ILE A 203 6.67 -2.32 -17.51
CA ILE A 203 7.63 -3.18 -16.84
C ILE A 203 7.06 -3.65 -15.50
N LYS A 204 6.96 -4.96 -15.30
CA LYS A 204 6.53 -5.53 -14.03
C LYS A 204 7.73 -5.78 -13.13
N VAL A 205 7.60 -5.41 -11.87
CA VAL A 205 8.75 -5.33 -10.97
C VAL A 205 8.39 -5.88 -9.57
N ASP A 206 9.37 -6.44 -8.88
CA ASP A 206 9.24 -6.83 -7.48
C ASP A 206 9.77 -5.67 -6.60
N ALA A 207 8.86 -4.91 -6.01
CA ALA A 207 9.24 -3.79 -5.16
C ALA A 207 8.12 -3.67 -4.15
N PRO A 208 7.95 -4.72 -3.35
CA PRO A 208 6.81 -4.83 -2.46
C PRO A 208 6.67 -3.66 -1.48
N TRP A 209 7.75 -2.91 -1.24
CA TRP A 209 7.69 -1.77 -0.30
C TRP A 209 6.81 -0.61 -0.77
N LEU A 210 6.48 -0.59 -2.04
CA LEU A 210 5.73 0.53 -2.61
C LEU A 210 4.21 0.33 -2.51
N LYS A 211 3.57 1.04 -1.58
CA LYS A 211 2.16 0.80 -1.26
C LYS A 211 1.21 1.72 -2.01
N ASN A 212 1.74 2.73 -2.68
CA ASN A 212 0.92 3.79 -3.22
C ASN A 212 1.07 3.93 -4.72
N PHE A 213 0.00 4.33 -5.40
CA PHE A 213 0.13 4.66 -6.79
C PHE A 213 0.70 6.06 -6.93
N ILE A 214 1.45 6.27 -8.01
CA ILE A 214 2.07 7.54 -8.30
C ILE A 214 2.01 7.72 -9.80
N ILE A 215 1.24 8.73 -10.21
CA ILE A 215 1.03 9.02 -11.62
C ILE A 215 1.41 10.46 -11.93
N THR A 216 2.33 10.64 -12.85
CA THR A 216 2.75 11.97 -13.22
C THR A 216 2.07 12.31 -14.53
N HIS A 217 1.88 13.60 -14.79
CA HIS A 217 1.31 14.05 -16.04
C HIS A 217 2.15 15.10 -16.73
N ASP A 218 2.12 15.03 -18.06
CA ASP A 218 2.80 15.98 -18.93
C ASP A 218 1.72 16.45 -19.90
N LEU A 219 1.07 17.56 -19.55
CA LEU A 219 -0.09 18.05 -20.28
C LEU A 219 0.15 18.25 -21.77
N GLU A 220 1.41 18.41 -22.16
CA GLU A 220 1.74 18.63 -23.57
C GLU A 220 2.01 17.34 -24.35
N ARG A 221 2.19 16.22 -23.67
CA ARG A 221 2.63 15.01 -24.34
C ARG A 221 1.55 13.94 -24.39
N GLY A 222 0.39 14.22 -23.82
CA GLY A 222 -0.72 13.27 -23.90
C GLY A 222 -0.77 12.33 -22.72
N ILE A 223 -1.93 11.74 -22.53
CA ILE A 223 -2.23 10.97 -21.32
C ILE A 223 -1.39 9.67 -21.27
N TYR A 224 -0.85 9.39 -20.09
CA TYR A 224 0.01 8.23 -19.84
C TYR A 224 1.30 8.16 -20.66
N ASN A 225 1.72 9.32 -21.17
CA ASN A 225 3.06 9.47 -21.77
C ASN A 225 4.00 10.24 -20.81
N SER A 226 3.88 9.89 -19.53
CA SER A 226 4.68 10.46 -18.44
C SER A 226 4.75 9.35 -17.39
N PRO A 227 5.80 9.33 -16.57
CA PRO A 227 5.98 8.11 -15.77
C PRO A 227 4.86 7.83 -14.77
N LEU A 228 4.56 6.55 -14.59
CA LEU A 228 3.51 6.15 -13.64
C LEU A 228 3.88 4.88 -12.94
N ILE A 229 3.47 4.76 -11.70
CA ILE A 229 3.85 3.64 -10.86
C ILE A 229 2.63 3.14 -10.13
N ILE A 230 2.31 1.87 -10.33
CA ILE A 230 1.09 1.31 -9.78
C ILE A 230 1.34 -0.01 -9.09
N PRO A 231 1.29 0.00 -7.75
CA PRO A 231 1.37 -1.28 -7.03
C PRO A 231 0.25 -2.22 -7.41
N GLY A 232 0.59 -3.46 -7.71
CA GLY A 232 -0.40 -4.47 -8.02
C GLY A 232 -0.62 -5.36 -6.83
N LEU A 233 -1.28 -6.48 -7.03
CA LEU A 233 -1.54 -7.38 -5.93
C LEU A 233 -0.25 -8.03 -5.41
N GLN A 234 0.62 -8.48 -6.30
CA GLN A 234 1.91 -8.99 -5.81
C GLN A 234 3.11 -8.59 -6.65
N ALA A 235 2.98 -7.49 -7.36
CA ALA A 235 4.08 -6.92 -8.10
C ALA A 235 3.70 -5.49 -8.40
N VAL A 236 4.56 -4.74 -9.07
CA VAL A 236 4.33 -3.32 -9.29
C VAL A 236 4.43 -3.04 -10.77
N THR A 237 3.53 -2.21 -11.29
CA THR A 237 3.57 -1.86 -12.68
C THR A 237 4.23 -0.51 -12.86
N LEU A 238 5.14 -0.46 -13.82
CA LEU A 238 5.87 0.76 -14.17
C LEU A 238 5.55 1.09 -15.61
N GLY A 239 5.14 2.34 -15.87
CA GLY A 239 4.79 2.76 -17.23
C GLY A 239 5.21 4.18 -17.54
N GLY A 240 4.87 4.63 -18.75
CA GLY A 240 5.18 5.98 -19.23
C GLY A 240 5.11 6.18 -20.73
N THR A 241 4.49 5.24 -21.45
CA THR A 241 4.25 5.41 -22.88
C THR A 241 2.84 4.95 -23.22
N PHE A 242 2.21 5.69 -24.13
CA PHE A 242 0.87 5.38 -24.59
C PHE A 242 0.67 6.06 -25.92
N GLN A 243 1.21 5.44 -26.97
CA GLN A 243 1.29 6.07 -28.28
C GLN A 243 0.26 5.49 -29.25
N VAL A 244 -0.65 6.34 -29.75
CA VAL A 244 -1.77 5.84 -30.55
C VAL A 244 -1.36 5.66 -32.01
N GLY A 245 -1.89 4.62 -32.65
CA GLY A 245 -1.61 4.35 -34.06
C GLY A 245 -0.51 3.33 -34.32
N ASN A 246 0.22 2.93 -33.28
CA ASN A 246 1.30 1.96 -33.44
C ASN A 246 0.81 0.54 -33.18
N TRP A 247 0.93 -0.32 -34.18
CA TRP A 247 0.41 -1.70 -34.10
C TRP A 247 1.50 -2.70 -33.75
N ASN A 248 2.67 -2.22 -33.31
CA ASN A 248 3.79 -3.11 -32.98
C ASN A 248 3.59 -3.86 -31.64
N GLU A 249 3.46 -5.18 -31.71
CA GLU A 249 3.16 -5.99 -30.52
C GLU A 249 4.41 -6.37 -29.70
N ILE A 250 5.58 -6.11 -30.27
CA ILE A 250 6.86 -6.46 -29.65
C ILE A 250 7.35 -5.33 -28.74
N ASN A 251 8.00 -5.71 -27.64
CA ASN A 251 8.66 -4.74 -26.77
C ASN A 251 9.81 -4.07 -27.49
N ASN A 252 10.03 -2.78 -27.22
CA ASN A 252 11.17 -2.09 -27.82
C ASN A 252 12.07 -1.44 -26.75
N ILE A 253 13.34 -1.26 -27.09
CA ILE A 253 14.34 -0.84 -26.14
C ILE A 253 14.13 0.61 -25.70
N GLN A 254 13.77 1.48 -26.63
CA GLN A 254 13.60 2.92 -26.34
C GLN A 254 12.52 3.15 -25.28
N ASP A 255 11.46 2.36 -25.38
CA ASP A 255 10.35 2.46 -24.46
C ASP A 255 10.73 1.87 -23.11
N HIS A 256 11.37 0.71 -23.11
CA HIS A 256 11.96 0.16 -21.89
C HIS A 256 12.76 1.23 -21.15
N ASN A 257 13.57 1.98 -21.89
CA ASN A 257 14.42 3.00 -21.30
C ASN A 257 13.58 4.18 -20.78
N THR A 258 12.66 4.69 -21.58
CA THR A 258 11.81 5.80 -21.16
C THR A 258 11.11 5.47 -19.84
N ILE A 259 10.68 4.21 -19.69
CA ILE A 259 9.89 3.80 -18.52
C ILE A 259 10.83 3.66 -17.32
N TRP A 260 11.89 2.88 -17.48
CA TRP A 260 12.85 2.67 -16.39
C TRP A 260 13.48 3.95 -15.82
N GLU A 261 13.97 4.84 -16.67
CA GLU A 261 14.67 6.04 -16.15
C GLU A 261 13.65 7.00 -15.58
N GLY A 262 12.51 7.14 -16.25
CA GLY A 262 11.45 8.02 -15.80
C GLY A 262 10.96 7.63 -14.43
N CYS A 263 10.75 6.33 -14.25
CA CYS A 263 10.26 5.83 -12.98
C CYS A 263 11.37 5.80 -11.94
N CYS A 264 12.60 5.48 -12.33
CA CYS A 264 13.72 5.49 -11.36
C CYS A 264 13.91 6.90 -10.82
N ARG A 265 13.65 7.92 -11.64
CA ARG A 265 13.81 9.30 -11.20
C ARG A 265 12.67 9.69 -10.27
N LEU A 266 11.50 9.15 -10.58
CA LEU A 266 10.30 9.37 -9.79
C LEU A 266 10.44 8.67 -8.44
N GLU A 267 10.83 7.41 -8.49
CA GLU A 267 10.93 6.59 -7.30
C GLU A 267 12.28 5.92 -7.28
N PRO A 268 13.27 6.62 -6.70
CA PRO A 268 14.65 6.17 -6.71
C PRO A 268 14.92 4.83 -6.05
N THR A 269 14.04 4.37 -5.17
CA THR A 269 14.25 3.08 -4.50
C THR A 269 14.13 1.93 -5.48
N LEU A 270 13.62 2.22 -6.67
CA LEU A 270 13.48 1.21 -7.72
C LEU A 270 14.81 0.57 -8.10
N LYS A 271 15.91 1.22 -7.71
CA LYS A 271 17.24 0.71 -8.01
C LYS A 271 17.41 -0.73 -7.53
N ASP A 272 16.67 -1.13 -6.49
CA ASP A 272 16.80 -2.47 -5.97
C ASP A 272 15.62 -3.36 -6.33
N ALA A 273 14.74 -2.89 -7.21
CA ALA A 273 13.61 -3.71 -7.61
C ALA A 273 14.08 -4.71 -8.65
N LYS A 274 13.64 -5.96 -8.54
CA LYS A 274 13.98 -6.94 -9.58
C LYS A 274 12.93 -6.93 -10.70
N ILE A 275 13.40 -6.80 -11.94
CA ILE A 275 12.51 -6.87 -13.08
C ILE A 275 12.01 -8.30 -13.25
N VAL A 276 10.71 -8.44 -13.36
CA VAL A 276 10.09 -9.73 -13.32
C VAL A 276 9.32 -10.04 -14.62
N GLY A 277 9.10 -9.02 -15.45
CA GLY A 277 8.45 -9.19 -16.76
C GLY A 277 8.27 -7.86 -17.50
N GLU A 278 8.18 -7.91 -18.82
CA GLU A 278 7.91 -6.72 -19.63
C GLU A 278 6.87 -7.01 -20.71
N TYR A 279 5.87 -6.12 -20.85
CA TYR A 279 4.77 -6.36 -21.79
C TYR A 279 4.37 -5.16 -22.61
N THR A 280 3.57 -5.43 -23.64
CA THR A 280 3.06 -4.41 -24.54
C THR A 280 1.58 -4.72 -24.82
N GLY A 281 0.70 -3.76 -24.57
CA GLY A 281 -0.71 -3.95 -24.82
C GLY A 281 -1.23 -2.90 -25.78
N PHE A 282 -2.45 -3.11 -26.28
CA PHE A 282 -3.13 -2.13 -27.15
C PHE A 282 -4.45 -1.75 -26.56
N GLY A 283 -4.54 -0.50 -26.11
CA GLY A 283 -5.81 0.07 -25.65
C GLY A 283 -6.68 0.36 -26.85
N PRO A 284 -7.95 -0.03 -26.80
CA PRO A 284 -8.80 0.27 -27.93
C PRO A 284 -9.25 1.70 -27.86
N VAL A 285 -8.43 2.58 -28.44
CA VAL A 285 -8.64 4.01 -28.35
C VAL A 285 -9.72 4.42 -29.34
N ARG A 286 -10.63 5.28 -28.90
CA ARG A 286 -11.76 5.73 -29.71
C ARG A 286 -12.23 7.08 -29.14
N PRO A 287 -12.70 7.99 -30.00
CA PRO A 287 -13.19 9.25 -29.44
C PRO A 287 -14.25 8.99 -28.36
N GLN A 288 -14.96 7.88 -28.47
CA GLN A 288 -15.80 7.40 -27.38
C GLN A 288 -16.05 5.91 -27.52
N VAL A 289 -16.58 5.30 -26.47
CA VAL A 289 -16.88 3.86 -26.49
C VAL A 289 -18.04 3.58 -27.42
N ARG A 290 -17.93 2.52 -28.24
CA ARG A 290 -19.08 2.08 -29.03
C ARG A 290 -19.86 1.07 -28.24
N LEU A 291 -21.02 1.50 -27.77
CA LEU A 291 -21.90 0.63 -27.03
C LEU A 291 -23.28 0.90 -27.57
N GLU A 292 -23.65 0.20 -28.62
CA GLU A 292 -24.93 0.39 -29.27
C GLU A 292 -25.42 -0.91 -29.91
N ARG A 293 -26.71 -0.94 -30.19
CA ARG A 293 -27.37 -2.08 -30.77
C ARG A 293 -27.43 -1.95 -32.29
N GLU A 294 -27.28 -3.07 -33.01
CA GLU A 294 -27.31 -3.09 -34.47
C GLU A 294 -28.04 -4.35 -34.97
N GLN A 295 -28.88 -4.23 -36.00
CA GLN A 295 -29.56 -5.40 -36.56
C GLN A 295 -28.89 -5.81 -37.87
N LEU A 296 -28.42 -7.04 -37.94
CA LEU A 296 -27.79 -7.56 -39.16
C LEU A 296 -28.69 -8.62 -39.80
N ARG A 297 -28.73 -8.62 -41.13
CA ARG A 297 -29.60 -9.50 -41.89
C ARG A 297 -28.78 -10.49 -42.70
N PHE A 298 -29.06 -11.78 -42.49
CA PHE A 298 -28.51 -12.83 -43.33
C PHE A 298 -29.62 -13.81 -43.70
N GLY A 299 -30.05 -13.79 -44.95
CA GLY A 299 -31.12 -14.66 -45.43
C GLY A 299 -32.44 -14.57 -44.67
N SER A 300 -32.86 -13.35 -44.34
CA SER A 300 -34.19 -13.04 -43.76
C SER A 300 -34.34 -13.38 -42.27
N SER A 301 -33.30 -13.99 -41.69
CA SER A 301 -33.17 -14.05 -40.24
C SER A 301 -32.50 -12.75 -39.75
N ASN A 302 -33.08 -12.16 -38.72
CA ASN A 302 -32.53 -10.98 -38.09
C ASN A 302 -31.59 -11.45 -36.97
N THR A 303 -30.34 -11.01 -37.01
CA THR A 303 -29.41 -11.27 -35.90
C THR A 303 -29.18 -9.96 -35.18
N GLU A 304 -29.17 -9.98 -33.86
CA GLU A 304 -28.96 -8.77 -33.12
C GLU A 304 -27.54 -8.72 -32.58
N VAL A 305 -26.82 -7.68 -32.93
CA VAL A 305 -25.50 -7.46 -32.40
C VAL A 305 -25.53 -6.28 -31.42
N ILE A 306 -24.93 -6.46 -30.26
CA ILE A 306 -24.67 -5.33 -29.37
C ILE A 306 -23.17 -5.13 -29.19
N HIS A 307 -22.66 -4.01 -29.68
CA HIS A 307 -21.24 -3.72 -29.59
C HIS A 307 -20.91 -3.19 -28.22
N ASN A 308 -19.69 -3.47 -27.77
CA ASN A 308 -19.20 -2.94 -26.51
C ASN A 308 -17.68 -2.94 -26.59
N TYR A 309 -17.14 -1.99 -27.34
CA TYR A 309 -15.70 -1.89 -27.51
C TYR A 309 -15.23 -0.43 -27.65
N GLY A 310 -13.93 -0.22 -27.46
CA GLY A 310 -13.34 1.12 -27.51
C GLY A 310 -13.22 1.81 -26.17
N HIS A 311 -12.76 1.09 -25.15
CA HIS A 311 -12.61 1.61 -23.81
C HIS A 311 -11.23 2.19 -23.53
N GLY A 312 -10.47 2.43 -24.59
CA GLY A 312 -9.18 3.09 -24.49
C GLY A 312 -8.32 2.62 -23.34
N GLY A 313 -7.84 3.57 -22.55
CA GLY A 313 -7.00 3.24 -21.42
C GLY A 313 -7.74 3.19 -20.11
N TYR A 314 -9.04 2.83 -20.17
CA TYR A 314 -9.87 2.83 -18.96
C TYR A 314 -10.89 1.71 -18.91
N GLY A 315 -10.59 0.58 -19.54
CA GLY A 315 -11.51 -0.57 -19.57
C GLY A 315 -11.86 -1.16 -18.23
N LEU A 316 -10.86 -1.35 -17.38
CA LEU A 316 -11.12 -1.83 -16.01
C LEU A 316 -12.02 -0.84 -15.25
N THR A 317 -11.75 0.43 -15.45
CA THR A 317 -12.39 1.53 -14.72
C THR A 317 -13.88 1.67 -15.02
N ILE A 318 -14.25 1.36 -16.25
CA ILE A 318 -15.59 1.65 -16.73
C ILE A 318 -16.42 0.39 -16.98
N HIS A 319 -15.80 -0.78 -16.90
CA HIS A 319 -16.37 -2.01 -17.45
C HIS A 319 -17.77 -2.34 -16.93
N TRP A 320 -18.00 -2.21 -15.63
CA TRP A 320 -19.26 -2.68 -15.06
C TRP A 320 -20.45 -1.84 -15.54
N GLY A 321 -20.27 -0.52 -15.62
CA GLY A 321 -21.32 0.32 -16.17
C GLY A 321 -21.63 -0.03 -17.61
N CYS A 322 -20.60 -0.38 -18.35
CA CYS A 322 -20.78 -0.73 -19.73
C CYS A 322 -21.51 -2.07 -19.88
N ALA A 323 -21.21 -3.02 -19.00
CA ALA A 323 -21.87 -4.32 -19.02
C ALA A 323 -23.33 -4.11 -18.68
N LEU A 324 -23.56 -3.38 -17.61
CA LEU A 324 -24.92 -3.02 -17.18
C LEU A 324 -25.70 -2.40 -18.35
N GLU A 325 -25.05 -1.57 -19.14
CA GLU A 325 -25.73 -0.91 -20.24
C GLU A 325 -26.11 -1.94 -21.30
N VAL A 326 -25.22 -2.89 -21.57
CA VAL A 326 -25.47 -3.92 -22.57
C VAL A 326 -26.65 -4.79 -22.13
N ALA A 327 -26.73 -5.10 -20.85
CA ALA A 327 -27.84 -5.90 -20.33
C ALA A 327 -29.18 -5.21 -20.51
N LYS A 328 -29.15 -3.88 -20.47
CA LYS A 328 -30.34 -3.06 -20.62
C LYS A 328 -30.81 -3.17 -22.08
N LEU A 329 -29.87 -3.02 -22.99
CA LEU A 329 -30.16 -3.11 -24.40
C LEU A 329 -30.64 -4.52 -24.73
N PHE A 330 -30.07 -5.52 -24.06
CA PHE A 330 -30.51 -6.90 -24.21
C PHE A 330 -31.95 -7.08 -23.72
N GLY A 331 -32.27 -6.40 -22.62
CA GLY A 331 -33.61 -6.43 -22.06
C GLY A 331 -34.60 -5.87 -23.06
N LYS A 332 -34.20 -4.84 -23.80
CA LYS A 332 -35.04 -4.21 -24.81
C LYS A 332 -35.25 -5.16 -25.97
N VAL A 333 -34.21 -5.93 -26.29
CA VAL A 333 -34.34 -6.95 -27.33
C VAL A 333 -35.42 -7.96 -26.96
N LEU A 334 -35.45 -8.35 -25.70
CA LEU A 334 -36.46 -9.28 -25.20
C LEU A 334 -37.86 -8.65 -25.32
N GLU A 335 -38.00 -7.42 -24.82
CA GLU A 335 -39.27 -6.70 -24.90
C GLU A 335 -39.87 -6.75 -26.32
N GLU A 336 -39.04 -6.46 -27.32
CA GLU A 336 -39.50 -6.38 -28.69
C GLU A 336 -40.01 -7.70 -29.20
N ARG A 337 -39.52 -8.78 -28.59
CA ARG A 337 -39.95 -10.13 -28.91
C ARG A 337 -41.02 -10.58 -27.93
N ASN A 338 -41.72 -9.62 -27.30
CA ASN A 338 -42.83 -9.91 -26.37
C ASN A 338 -42.44 -10.79 -25.17
N LEU A 339 -41.15 -10.82 -24.86
CA LEU A 339 -40.63 -11.60 -23.74
C LEU A 339 -40.61 -10.65 -22.53
N LEU A 340 -40.75 -11.21 -21.32
CA LEU A 340 -41.01 -10.41 -20.12
C LEU A 340 -39.96 -10.53 -19.02
N ALA A 341 -39.28 -9.41 -18.72
CA ALA A 341 -38.34 -9.34 -17.60
C ALA A 341 -39.05 -8.77 -16.36
N ALA A 342 -38.63 -9.22 -15.19
CA ALA A 342 -39.29 -8.85 -13.91
C ALA A 342 -40.82 -8.84 -14.02
N MET B 1 38.14 10.16 24.84
CA MET B 1 36.81 10.06 25.51
C MET B 1 36.13 8.76 25.07
N ARG B 2 35.92 7.85 26.01
CA ARG B 2 35.39 6.54 25.70
C ARG B 2 33.90 6.44 26.05
N VAL B 3 33.06 6.24 25.05
CA VAL B 3 31.63 6.11 25.28
C VAL B 3 31.11 4.71 24.96
N VAL B 4 30.53 4.04 25.95
CA VAL B 4 29.86 2.75 25.72
C VAL B 4 28.36 2.97 25.75
N VAL B 5 27.71 2.72 24.62
CA VAL B 5 26.26 2.57 24.56
C VAL B 5 25.85 1.11 24.85
N ILE B 6 25.05 0.88 25.88
CA ILE B 6 24.53 -0.47 26.16
C ILE B 6 23.14 -0.62 25.55
N GLY B 7 23.05 -1.40 24.49
CA GLY B 7 21.80 -1.67 23.82
C GLY B 7 21.94 -1.51 22.31
N ALA B 8 21.45 -2.49 21.59
CA ALA B 8 21.56 -2.47 20.13
C ALA B 8 20.18 -2.54 19.50
N GLY B 9 19.16 -2.20 20.29
CA GLY B 9 17.80 -1.98 19.79
C GLY B 9 17.75 -0.62 19.10
N VAL B 10 16.58 -0.21 18.66
CA VAL B 10 16.50 1.05 17.93
C VAL B 10 17.08 2.21 18.74
N ILE B 11 16.90 2.19 20.06
CA ILE B 11 17.29 3.34 20.87
C ILE B 11 18.82 3.40 20.96
N GLY B 12 19.45 2.26 21.25
CA GLY B 12 20.89 2.19 21.28
C GLY B 12 21.53 2.72 20.02
N LEU B 13 21.18 2.15 18.88
CA LEU B 13 21.94 2.41 17.68
C LEU B 13 21.72 3.85 17.19
N SER B 14 20.47 4.29 17.21
CA SER B 14 20.11 5.67 16.88
C SER B 14 20.94 6.66 17.71
N THR B 15 21.01 6.41 19.01
CA THR B 15 21.69 7.29 19.92
C THR B 15 23.19 7.25 19.61
N ALA B 16 23.70 6.06 19.34
CA ALA B 16 25.12 5.86 19.08
C ALA B 16 25.55 6.63 17.84
N LEU B 17 24.75 6.51 16.78
CA LEU B 17 25.02 7.18 15.52
C LEU B 17 24.90 8.68 15.67
N CYS B 18 23.85 9.14 16.35
CA CYS B 18 23.64 10.55 16.49
C CYS B 18 24.83 11.15 17.22
N ILE B 19 25.30 10.46 18.26
CA ILE B 19 26.41 10.98 19.03
C ILE B 19 27.63 11.04 18.13
N HIS B 20 27.87 9.99 17.35
CA HIS B 20 29.05 9.97 16.53
C HIS B 20 28.99 11.04 15.45
N GLU B 21 27.85 11.18 14.78
CA GLU B 21 27.74 12.15 13.70
C GLU B 21 27.87 13.59 14.21
N ARG B 22 27.50 13.83 15.46
CA ARG B 22 27.56 15.17 16.00
C ARG B 22 28.98 15.53 16.45
N TYR B 23 29.70 14.57 17.01
CA TYR B 23 30.96 14.87 17.69
C TYR B 23 32.21 14.27 17.09
N HIS B 24 32.09 13.39 16.10
CA HIS B 24 33.31 12.81 15.50
C HIS B 24 34.21 13.92 14.98
N SER B 25 33.63 14.92 14.33
CA SER B 25 34.39 15.97 13.69
C SER B 25 35.06 16.95 14.67
N VAL B 26 34.58 17.01 15.90
CA VAL B 26 35.08 18.03 16.84
C VAL B 26 35.90 17.46 17.99
N LEU B 27 35.66 16.20 18.33
CA LEU B 27 36.38 15.54 19.42
C LEU B 27 37.39 14.57 18.88
N GLN B 28 38.55 14.53 19.53
CA GLN B 28 39.64 13.65 19.15
C GLN B 28 40.41 13.37 20.45
N PRO B 29 40.56 12.09 20.83
CA PRO B 29 39.86 10.99 20.20
C PRO B 29 38.44 10.92 20.73
N LEU B 30 37.56 10.32 19.94
CA LEU B 30 36.24 9.97 20.41
C LEU B 30 36.14 8.51 20.07
N ASP B 31 35.91 7.70 21.09
CA ASP B 31 35.74 6.29 20.87
C ASP B 31 34.37 5.82 21.36
N VAL B 32 33.55 5.36 20.42
CA VAL B 32 32.18 4.93 20.73
C VAL B 32 32.05 3.44 20.47
N LYS B 33 31.55 2.71 21.46
CA LYS B 33 31.35 1.28 21.34
C LYS B 33 29.94 0.93 21.80
N VAL B 34 29.40 -0.13 21.20
CA VAL B 34 28.08 -0.62 21.55
C VAL B 34 28.29 -1.97 22.18
N TYR B 35 27.73 -2.15 23.38
CA TYR B 35 27.63 -3.46 24.02
C TYR B 35 26.16 -3.87 24.06
N ALA B 36 25.86 -5.12 23.73
CA ALA B 36 24.53 -5.70 23.97
C ALA B 36 24.61 -7.23 23.97
N ASP B 37 23.64 -7.89 24.59
CA ASP B 37 23.61 -9.36 24.57
C ASP B 37 22.68 -9.92 23.50
N ARG B 38 21.97 -9.04 22.79
CA ARG B 38 21.30 -9.43 21.56
C ARG B 38 21.31 -8.32 20.52
N PHE B 39 21.55 -8.71 19.27
CA PHE B 39 21.51 -7.81 18.12
C PHE B 39 20.40 -8.31 17.21
N THR B 40 20.09 -7.54 16.17
CA THR B 40 19.11 -7.99 15.20
C THR B 40 19.49 -9.36 14.73
N PRO B 41 18.49 -10.20 14.46
CA PRO B 41 17.06 -9.95 14.60
C PRO B 41 16.48 -10.32 15.96
N PHE B 42 17.28 -10.22 17.02
CA PHE B 42 16.84 -10.71 18.31
C PHE B 42 16.39 -9.68 19.34
N THR B 43 16.12 -8.46 18.90
CA THR B 43 15.66 -7.43 19.84
C THR B 43 14.16 -7.29 19.79
N THR B 44 13.59 -6.57 20.74
CA THR B 44 12.17 -6.23 20.67
C THR B 44 11.89 -5.33 19.47
N THR B 45 12.84 -4.47 19.12
CA THR B 45 12.71 -3.60 17.95
C THR B 45 12.37 -4.44 16.71
N ASP B 46 13.00 -5.59 16.59
CA ASP B 46 12.74 -6.50 15.46
C ASP B 46 11.33 -6.97 15.33
N VAL B 47 10.66 -7.07 16.44
CA VAL B 47 9.30 -7.58 16.47
C VAL B 47 8.30 -6.47 16.22
N ALA B 48 8.76 -5.22 16.25
CA ALA B 48 7.83 -4.08 16.18
C ALA B 48 7.06 -4.02 14.88
N ALA B 49 5.77 -3.74 14.99
CA ALA B 49 4.87 -3.64 13.84
C ALA B 49 5.43 -2.74 12.74
N GLY B 50 6.17 -1.70 13.14
CA GLY B 50 6.91 -0.89 12.21
C GLY B 50 6.15 0.29 11.66
N LEU B 51 5.45 1.02 12.52
CA LEU B 51 4.66 2.16 12.06
C LEU B 51 4.83 3.38 12.95
N TRP B 52 4.91 4.56 12.32
CA TRP B 52 4.97 5.79 13.08
C TRP B 52 3.57 6.22 13.48
N GLN B 53 3.30 6.15 14.79
CA GLN B 53 2.07 6.67 15.37
C GLN B 53 2.18 6.63 16.89
N PRO B 54 2.08 7.81 17.55
CA PRO B 54 2.03 7.86 19.00
C PRO B 54 0.71 7.35 19.55
N TYR B 55 0.62 7.26 20.87
CA TYR B 55 -0.63 6.91 21.52
C TYR B 55 -1.64 8.00 21.20
N THR B 56 -2.90 7.63 21.26
CA THR B 56 -3.99 8.54 20.92
C THR B 56 -4.13 9.63 21.96
N SER B 57 -3.89 9.26 23.21
CA SER B 57 -3.88 10.25 24.30
C SER B 57 -2.55 10.98 24.36
N GLU B 58 -2.59 12.25 24.74
CA GLU B 58 -1.37 13.06 24.82
C GLU B 58 -0.40 12.52 25.89
N PRO B 59 0.87 12.98 25.84
CA PRO B 59 1.83 12.48 26.80
C PRO B 59 1.92 13.35 28.04
N SER B 60 2.45 12.79 29.12
CA SER B 60 2.67 13.54 30.35
C SER B 60 3.68 14.64 30.08
N ASN B 61 4.90 14.23 29.77
CA ASN B 61 5.96 15.17 29.49
C ASN B 61 5.76 15.73 28.09
N PRO B 62 5.63 17.07 27.94
CA PRO B 62 5.40 17.56 26.58
C PRO B 62 6.61 17.50 25.66
N GLN B 63 7.80 17.22 26.21
CA GLN B 63 8.98 17.06 25.37
C GLN B 63 8.83 15.89 24.43
N GLU B 64 8.06 14.88 24.86
CA GLU B 64 7.89 13.67 24.06
C GLU B 64 7.12 13.95 22.79
N ALA B 65 6.08 14.76 22.88
CA ALA B 65 5.38 15.21 21.67
C ALA B 65 6.37 15.74 20.66
N ASN B 66 7.29 16.57 21.13
CA ASN B 66 8.28 17.17 20.28
C ASN B 66 9.23 16.14 19.71
N TRP B 67 9.68 15.21 20.56
CA TRP B 67 10.55 14.13 20.11
C TRP B 67 9.90 13.27 19.04
N ASN B 68 8.58 13.09 19.13
CA ASN B 68 7.87 12.37 18.09
C ASN B 68 7.91 13.16 16.79
N GLN B 69 7.53 14.42 16.88
CA GLN B 69 7.57 15.33 15.73
C GLN B 69 8.95 15.32 15.07
N GLN B 70 10.00 15.51 15.84
CA GLN B 70 11.33 15.52 15.27
C GLN B 70 11.58 14.19 14.55
N THR B 71 11.15 13.11 15.17
CA THR B 71 11.34 11.79 14.55
C THR B 71 10.63 11.73 13.20
N PHE B 72 9.40 12.21 13.14
CA PHE B 72 8.66 12.16 11.89
C PHE B 72 9.36 12.96 10.79
N ASN B 73 9.75 14.19 11.08
CA ASN B 73 10.34 15.06 10.07
C ASN B 73 11.69 14.55 9.61
N TYR B 74 12.45 14.01 10.56
CA TYR B 74 13.67 13.30 10.24
C TYR B 74 13.41 12.22 9.22
N LEU B 75 12.46 11.33 9.53
CA LEU B 75 12.16 10.19 8.66
C LEU B 75 11.59 10.64 7.32
N LEU B 76 10.72 11.64 7.35
CA LEU B 76 10.11 12.14 6.11
C LEU B 76 11.18 12.69 5.16
N SER B 77 12.17 13.35 5.72
CA SER B 77 13.18 14.01 4.91
C SER B 77 13.99 13.01 4.09
N HIS B 78 13.93 11.74 4.48
CA HIS B 78 14.62 10.68 3.75
C HIS B 78 13.80 10.19 2.56
N ILE B 79 12.49 10.39 2.61
CA ILE B 79 11.66 10.01 1.49
C ILE B 79 12.08 10.86 0.31
N GLY B 80 12.44 10.21 -0.79
CA GLY B 80 13.01 10.92 -1.93
C GLY B 80 14.40 10.39 -2.20
N SER B 81 15.06 9.91 -1.16
CA SER B 81 16.37 9.31 -1.28
C SER B 81 16.33 7.90 -1.87
N PRO B 82 17.38 7.52 -2.61
CA PRO B 82 17.42 6.16 -3.15
C PRO B 82 17.43 5.07 -2.08
N ASN B 83 17.95 5.38 -0.91
CA ASN B 83 18.15 4.36 0.11
C ASN B 83 17.04 4.24 1.15
N ALA B 84 15.94 4.94 0.95
CA ALA B 84 14.82 4.93 1.90
C ALA B 84 14.39 3.51 2.28
N ALA B 85 14.12 2.65 1.30
CA ALA B 85 13.70 1.29 1.60
C ALA B 85 14.78 0.45 2.28
N ASN B 86 16.03 0.63 1.87
CA ASN B 86 17.14 -0.07 2.51
C ASN B 86 17.20 0.24 4.00
N MET B 87 16.72 1.43 4.37
CA MET B 87 16.63 1.84 5.74
C MET B 87 15.38 1.25 6.39
N GLY B 88 14.48 0.68 5.60
CA GLY B 88 13.24 0.11 6.11
C GLY B 88 12.10 1.10 6.15
N LEU B 89 12.17 2.09 5.27
CA LEU B 89 11.36 3.27 5.37
C LEU B 89 10.56 3.46 4.10
N THR B 90 9.26 3.69 4.23
CA THR B 90 8.41 3.94 3.07
C THR B 90 7.07 4.50 3.51
N PRO B 91 6.46 5.35 2.68
CA PRO B 91 5.18 5.92 3.12
C PRO B 91 4.05 4.90 3.11
N VAL B 92 3.10 5.05 4.04
CA VAL B 92 1.85 4.27 4.06
C VAL B 92 0.72 5.15 4.52
N SER B 93 -0.46 4.89 3.96
CA SER B 93 -1.65 5.55 4.40
C SER B 93 -2.54 4.53 5.09
N GLY B 94 -3.44 5.00 5.94
CA GLY B 94 -4.33 4.08 6.62
C GLY B 94 -5.36 4.72 7.53
N TYR B 95 -5.97 3.85 8.33
CA TYR B 95 -7.24 4.13 8.98
C TYR B 95 -7.13 3.87 10.46
N ASN B 96 -7.69 4.76 11.26
CA ASN B 96 -7.86 4.53 12.69
C ASN B 96 -9.35 4.46 12.97
N LEU B 97 -9.77 3.38 13.62
CA LEU B 97 -11.17 3.06 13.77
C LEU B 97 -11.62 2.98 15.21
N PHE B 98 -12.70 3.69 15.49
CA PHE B 98 -13.27 3.80 16.83
C PHE B 98 -14.75 3.41 16.77
N ARG B 99 -15.29 2.95 17.89
CA ARG B 99 -16.70 2.60 17.99
C ARG B 99 -17.54 3.79 18.43
N GLU B 100 -16.92 4.97 18.50
CA GLU B 100 -17.66 6.18 18.76
C GLU B 100 -16.75 7.38 18.56
N ALA B 101 -17.33 8.56 18.54
CA ALA B 101 -16.55 9.77 18.31
C ALA B 101 -15.45 9.92 19.37
N VAL B 102 -14.37 10.57 19.00
CA VAL B 102 -13.28 10.87 19.94
C VAL B 102 -12.60 12.17 19.52
N PRO B 103 -11.87 12.82 20.44
CA PRO B 103 -11.14 14.01 20.02
C PRO B 103 -10.07 13.70 18.97
N ASP B 104 -9.68 14.71 18.20
CA ASP B 104 -8.53 14.60 17.31
C ASP B 104 -7.27 14.36 18.14
N PRO B 105 -6.35 13.51 17.64
CA PRO B 105 -5.15 13.23 18.38
C PRO B 105 -4.17 14.40 18.32
N TYR B 106 -3.31 14.52 19.33
CA TYR B 106 -2.35 15.63 19.38
C TYR B 106 -1.42 15.68 18.17
N TRP B 107 -1.28 14.55 17.49
CA TRP B 107 -0.34 14.44 16.36
C TRP B 107 -0.96 14.60 14.98
N LYS B 108 -2.23 14.99 14.94
CA LYS B 108 -2.94 15.18 13.69
C LYS B 108 -2.20 16.05 12.65
N ASP B 109 -1.50 17.08 13.10
CA ASP B 109 -0.82 17.98 12.17
C ASP B 109 0.58 17.50 11.83
N MET B 110 1.11 16.58 12.61
CA MET B 110 2.44 16.05 12.35
C MET B 110 2.42 15.09 11.17
N VAL B 111 1.41 14.22 11.13
CA VAL B 111 1.24 13.30 10.00
C VAL B 111 0.84 14.09 8.75
N LEU B 112 0.51 13.36 7.69
CA LEU B 112 0.17 13.94 6.41
C LEU B 112 -1.30 13.72 6.11
N GLY B 113 -2.04 14.81 5.91
CA GLY B 113 -3.39 14.72 5.41
C GLY B 113 -4.39 14.13 6.38
N PHE B 114 -4.20 14.39 7.67
CA PHE B 114 -5.15 13.92 8.64
C PHE B 114 -6.53 14.44 8.25
N ARG B 115 -7.53 13.58 8.35
CA ARG B 115 -8.92 13.99 8.24
C ARG B 115 -9.80 12.89 8.83
N LYS B 116 -11.06 13.22 9.04
CA LYS B 116 -12.00 12.29 9.61
C LYS B 116 -12.55 11.47 8.47
N LEU B 117 -12.93 10.23 8.76
CA LEU B 117 -13.50 9.35 7.75
C LEU B 117 -14.91 9.81 7.41
N THR B 118 -15.30 9.59 6.16
CA THR B 118 -16.63 9.91 5.67
C THR B 118 -17.52 8.67 5.76
N PRO B 119 -18.83 8.89 5.89
CA PRO B 119 -19.84 7.84 5.96
C PRO B 119 -19.62 6.73 4.95
N ARG B 120 -19.14 7.08 3.77
CA ARG B 120 -18.85 6.08 2.73
C ARG B 120 -17.71 5.18 3.18
N GLU B 121 -16.60 5.80 3.61
CA GLU B 121 -15.40 5.06 4.02
C GLU B 121 -15.73 4.06 5.13
N LEU B 122 -16.59 4.48 6.05
CA LEU B 122 -16.98 3.66 7.21
C LEU B 122 -17.73 2.39 6.85
N ASP B 123 -18.52 2.45 5.79
CA ASP B 123 -19.21 1.25 5.33
C ASP B 123 -18.19 0.17 4.97
N MET B 124 -16.93 0.57 4.79
CA MET B 124 -15.84 -0.40 4.54
C MET B 124 -15.51 -1.18 5.79
N PHE B 125 -15.87 -0.60 6.93
CA PHE B 125 -15.59 -1.19 8.22
C PHE B 125 -16.88 -1.25 9.05
N PRO B 126 -17.72 -2.26 8.78
CA PRO B 126 -19.05 -2.43 9.41
C PRO B 126 -19.04 -2.24 10.94
N ASP B 127 -18.03 -2.78 11.63
CA ASP B 127 -18.04 -2.79 13.09
C ASP B 127 -17.72 -1.45 13.75
N TYR B 128 -17.40 -0.43 12.97
CA TYR B 128 -16.95 0.84 13.53
C TYR B 128 -17.80 1.99 13.04
N ARG B 129 -17.81 3.09 13.80
CA ARG B 129 -18.74 4.18 13.54
C ARG B 129 -18.05 5.53 13.40
N TYR B 130 -16.75 5.56 13.64
CA TYR B 130 -15.99 6.82 13.57
C TYR B 130 -14.52 6.49 13.36
N GLY B 131 -13.78 7.39 12.71
CA GLY B 131 -12.33 7.20 12.59
C GLY B 131 -11.59 8.25 11.79
N TRP B 132 -10.31 7.99 11.57
CA TRP B 132 -9.44 8.94 10.88
C TRP B 132 -8.83 8.31 9.65
N PHE B 133 -8.39 9.16 8.73
CA PHE B 133 -7.48 8.73 7.69
C PHE B 133 -6.23 9.60 7.76
N ASN B 134 -5.06 9.03 7.50
CA ASN B 134 -3.88 9.85 7.32
C ASN B 134 -2.76 9.09 6.63
N THR B 135 -1.70 9.80 6.33
CA THR B 135 -0.56 9.17 5.73
C THR B 135 0.61 9.29 6.71
N SER B 136 1.37 8.21 6.84
CA SER B 136 2.46 8.16 7.77
C SER B 136 3.57 7.35 7.15
N LEU B 137 4.48 6.86 7.98
CA LEU B 137 5.63 6.12 7.49
C LEU B 137 5.75 4.78 8.17
N ILE B 138 6.17 3.78 7.40
CA ILE B 138 6.66 2.52 7.93
C ILE B 138 8.12 2.71 8.31
N LEU B 139 8.52 2.28 9.51
CA LEU B 139 9.91 2.12 9.84
C LEU B 139 10.07 0.69 10.30
N GLU B 140 10.48 -0.20 9.40
CA GLU B 140 10.70 -1.58 9.79
C GLU B 140 11.94 -1.73 10.64
N GLY B 141 11.75 -2.22 11.86
CA GLY B 141 12.81 -2.26 12.87
C GLY B 141 13.99 -3.13 12.51
N ARG B 142 13.69 -4.32 12.02
CA ARG B 142 14.70 -5.28 11.59
C ARG B 142 15.57 -4.65 10.54
N LYS B 143 14.96 -4.00 9.56
CA LYS B 143 15.71 -3.43 8.45
C LYS B 143 16.50 -2.21 8.89
N TYR B 144 15.90 -1.41 9.77
CA TYR B 144 16.49 -0.16 10.20
C TYR B 144 17.69 -0.47 11.07
N LEU B 145 17.57 -1.53 11.86
CA LEU B 145 18.69 -2.01 12.65
C LEU B 145 19.84 -2.41 11.72
N GLN B 146 19.55 -3.17 10.68
CA GLN B 146 20.59 -3.53 9.72
C GLN B 146 21.25 -2.31 9.08
N TRP B 147 20.48 -1.28 8.80
CA TRP B 147 21.00 -0.03 8.23
C TRP B 147 21.91 0.71 9.21
N LEU B 148 21.48 0.82 10.45
CA LEU B 148 22.21 1.56 11.44
C LEU B 148 23.50 0.86 11.78
N THR B 149 23.47 -0.45 11.92
CA THR B 149 24.70 -1.11 12.29
C THR B 149 25.70 -0.93 11.15
N GLU B 150 25.25 -0.99 9.92
CA GLU B 150 26.15 -0.77 8.78
C GLU B 150 26.71 0.67 8.81
N ARG B 151 25.85 1.62 9.10
CA ARG B 151 26.22 3.02 9.10
C ARG B 151 27.21 3.26 10.23
N LEU B 152 26.95 2.59 11.36
CA LEU B 152 27.83 2.67 12.52
C LEU B 152 29.20 2.03 12.19
N THR B 153 29.15 0.80 11.72
CA THR B 153 30.34 0.09 11.28
C THR B 153 31.25 0.90 10.33
N GLU B 154 30.66 1.57 9.33
CA GLU B 154 31.44 2.33 8.34
C GLU B 154 32.25 3.44 8.99
N ARG B 155 31.81 3.90 10.16
CA ARG B 155 32.41 5.04 10.82
C ARG B 155 33.35 4.58 11.90
N GLY B 156 33.57 3.28 11.98
CA GLY B 156 34.52 2.71 12.93
C GLY B 156 34.00 2.47 14.34
N VAL B 157 32.68 2.59 14.54
CA VAL B 157 32.10 2.24 15.85
C VAL B 157 32.11 0.70 15.95
N LYS B 158 32.44 0.17 17.11
CA LYS B 158 32.65 -1.26 17.27
C LYS B 158 31.61 -1.89 18.18
N PHE B 159 31.17 -3.10 17.84
CA PHE B 159 30.13 -3.79 18.58
C PHE B 159 30.73 -4.95 19.39
N PHE B 160 30.20 -5.17 20.58
CA PHE B 160 30.60 -6.28 21.42
C PHE B 160 29.36 -7.00 21.91
N LEU B 161 29.27 -8.27 21.56
CA LEU B 161 28.14 -9.06 21.99
C LEU B 161 28.45 -9.53 23.40
N ARG B 162 27.81 -8.94 24.40
CA ARG B 162 28.02 -9.38 25.77
C ARG B 162 26.96 -8.87 26.74
N LYS B 163 26.85 -9.55 27.86
CA LYS B 163 25.86 -9.20 28.86
C LYS B 163 26.49 -8.33 29.92
N VAL B 164 25.98 -7.12 30.07
CA VAL B 164 26.46 -6.25 31.12
C VAL B 164 25.78 -6.63 32.42
N GLU B 165 26.59 -6.76 33.47
CA GLU B 165 26.11 -7.23 34.76
C GLU B 165 25.86 -6.03 35.66
N SER B 166 26.66 -4.99 35.46
CA SER B 166 26.50 -3.73 36.19
C SER B 166 27.11 -2.55 35.44
N PHE B 167 26.68 -1.34 35.78
CA PHE B 167 27.29 -0.14 35.24
C PHE B 167 28.72 -0.06 35.68
N GLU B 168 28.98 -0.57 36.88
CA GLU B 168 30.29 -0.52 37.48
C GLU B 168 31.37 -1.23 36.64
N GLU B 169 31.09 -2.47 36.29
CA GLU B 169 32.02 -3.26 35.50
C GLU B 169 32.44 -2.52 34.20
N VAL B 170 31.49 -1.86 33.55
CA VAL B 170 31.73 -1.22 32.26
C VAL B 170 32.57 0.04 32.43
N ALA B 171 32.29 0.78 33.50
CA ALA B 171 33.06 1.96 33.85
C ALA B 171 34.47 1.50 34.16
N ARG B 172 34.54 0.42 34.95
CA ARG B 172 35.81 -0.14 35.35
C ARG B 172 36.62 -0.62 34.14
N GLY B 173 35.93 -1.12 33.14
CA GLY B 173 36.60 -1.52 31.91
C GLY B 173 37.06 -0.34 31.08
N GLY B 174 36.77 0.87 31.55
CA GLY B 174 37.28 2.07 30.92
C GLY B 174 36.27 2.88 30.10
N ALA B 175 35.05 3.00 30.59
CA ALA B 175 34.10 3.91 29.97
C ALA B 175 33.99 5.23 30.73
N ASP B 176 34.07 6.33 30.01
CA ASP B 176 33.93 7.65 30.58
C ASP B 176 32.46 8.05 30.67
N VAL B 177 31.72 7.69 29.63
CA VAL B 177 30.29 7.94 29.61
C VAL B 177 29.56 6.67 29.21
N ILE B 178 28.44 6.40 29.86
CA ILE B 178 27.62 5.23 29.54
C ILE B 178 26.24 5.71 29.12
N ILE B 179 25.79 5.29 27.95
CA ILE B 179 24.44 5.61 27.50
C ILE B 179 23.62 4.36 27.73
N ASN B 180 22.63 4.45 28.60
CA ASN B 180 21.86 3.28 28.98
C ASN B 180 20.63 3.10 28.10
N CYS B 181 20.74 2.19 27.13
CA CYS B 181 19.68 1.96 26.18
C CYS B 181 19.25 0.51 26.19
N THR B 182 18.83 0.06 27.37
CA THR B 182 18.63 -1.36 27.61
C THR B 182 17.17 -1.78 27.58
N GLY B 183 16.28 -0.87 27.20
CA GLY B 183 14.89 -1.23 26.99
C GLY B 183 14.23 -1.70 28.26
N VAL B 184 13.49 -2.82 28.18
CA VAL B 184 12.67 -3.28 29.27
C VAL B 184 13.50 -3.92 30.39
N TRP B 185 14.77 -4.25 30.09
CA TRP B 185 15.64 -4.87 31.06
C TRP B 185 16.54 -3.88 31.78
N ALA B 186 16.21 -2.61 31.75
CA ALA B 186 17.01 -1.62 32.46
C ALA B 186 17.05 -1.90 33.97
N GLY B 187 15.95 -2.44 34.50
CA GLY B 187 15.86 -2.75 35.93
C GLY B 187 16.88 -3.72 36.50
N VAL B 188 17.57 -4.46 35.63
CA VAL B 188 18.65 -5.35 36.07
C VAL B 188 19.91 -4.54 36.44
N LEU B 189 20.08 -3.37 35.84
CA LEU B 189 21.24 -2.54 36.15
C LEU B 189 20.96 -1.48 37.20
N GLN B 190 19.68 -1.18 37.42
CA GLN B 190 19.27 -0.22 38.43
C GLN B 190 17.75 -0.37 38.61
N PRO B 191 17.31 -0.88 39.77
CA PRO B 191 15.87 -1.08 39.91
C PRO B 191 15.10 0.18 39.57
N ASP B 192 14.07 0.03 38.76
CA ASP B 192 13.18 1.14 38.44
C ASP B 192 11.80 0.55 38.41
N PRO B 193 11.00 0.75 39.47
CA PRO B 193 9.74 0.01 39.52
C PRO B 193 8.63 0.65 38.70
N LEU B 194 8.93 1.77 38.04
CA LEU B 194 8.01 2.35 37.07
C LEU B 194 8.08 1.66 35.72
N LEU B 195 9.09 0.81 35.52
CA LEU B 195 9.30 0.20 34.21
C LEU B 195 8.75 -1.21 34.19
N GLN B 196 7.82 -1.48 33.29
CA GLN B 196 7.16 -2.77 33.21
C GLN B 196 7.17 -3.26 31.77
N PRO B 197 7.12 -4.58 31.57
CA PRO B 197 7.05 -5.03 30.19
C PRO B 197 5.65 -4.89 29.64
N GLY B 198 5.55 -4.39 28.41
CA GLY B 198 4.28 -4.35 27.70
C GLY B 198 4.32 -5.49 26.70
N ARG B 199 3.75 -6.63 27.08
CA ARG B 199 3.87 -7.84 26.29
C ARG B 199 2.90 -7.87 25.13
N GLY B 200 3.45 -7.82 23.93
CA GLY B 200 2.65 -7.83 22.75
C GLY B 200 3.02 -9.03 21.92
N GLN B 201 2.02 -9.69 21.35
CA GLN B 201 2.24 -10.78 20.43
C GLN B 201 1.81 -10.35 19.04
N ILE B 202 2.48 -10.87 18.02
CA ILE B 202 2.14 -10.54 16.65
C ILE B 202 2.22 -11.74 15.73
N ILE B 203 1.42 -11.71 14.67
CA ILE B 203 1.46 -12.72 13.65
C ILE B 203 1.92 -12.09 12.35
N LYS B 204 2.97 -12.65 11.76
CA LYS B 204 3.47 -12.18 10.48
C LYS B 204 2.92 -13.01 9.33
N VAL B 205 2.45 -12.31 8.30
CA VAL B 205 1.64 -12.90 7.29
C VAL B 205 2.05 -12.45 5.89
N ASP B 206 1.89 -13.32 4.90
CA ASP B 206 2.04 -12.97 3.49
C ASP B 206 0.67 -12.60 2.94
N ALA B 207 0.42 -11.32 2.74
CA ALA B 207 -0.85 -10.85 2.22
C ALA B 207 -0.55 -9.58 1.45
N PRO B 208 0.22 -9.72 0.37
CA PRO B 208 0.79 -8.56 -0.31
C PRO B 208 -0.27 -7.60 -0.86
N TRP B 209 -1.51 -8.06 -1.00
CA TRP B 209 -2.58 -7.17 -1.50
C TRP B 209 -2.99 -6.07 -0.54
N LEU B 210 -2.53 -6.13 0.70
CA LEU B 210 -2.89 -5.12 1.68
C LEU B 210 -1.88 -3.96 1.74
N LYS B 211 -2.31 -2.78 1.30
CA LYS B 211 -1.43 -1.62 1.12
C LYS B 211 -1.62 -0.56 2.18
N ASN B 212 -2.61 -0.74 3.04
CA ASN B 212 -2.96 0.27 4.02
C ASN B 212 -2.91 -0.22 5.45
N PHE B 213 -2.52 0.64 6.39
CA PHE B 213 -2.62 0.27 7.78
C PHE B 213 -4.06 0.41 8.24
N ILE B 214 -4.46 -0.45 9.17
CA ILE B 214 -5.81 -0.44 9.71
C ILE B 214 -5.69 -0.74 11.20
N ILE B 215 -6.02 0.24 12.03
CA ILE B 215 -5.88 0.13 13.47
C ILE B 215 -7.23 0.42 14.13
N THR B 216 -7.72 -0.54 14.89
CA THR B 216 -8.96 -0.38 15.58
C THR B 216 -8.66 -0.06 17.02
N HIS B 217 -9.60 0.60 17.69
CA HIS B 217 -9.46 0.88 19.11
C HIS B 217 -10.69 0.42 19.88
N ASP B 218 -10.44 -0.01 21.10
CA ASP B 218 -11.48 -0.44 22.02
C ASP B 218 -11.21 0.35 23.29
N LEU B 219 -11.85 1.51 23.39
CA LEU B 219 -11.56 2.47 24.46
C LEU B 219 -11.66 1.89 25.86
N GLU B 220 -12.43 0.82 26.02
CA GLU B 220 -12.62 0.17 27.30
C GLU B 220 -11.71 -1.02 27.42
N ARG B 221 -10.58 -0.99 26.72
CA ARG B 221 -9.74 -2.17 26.64
C ARG B 221 -8.27 -1.93 26.74
N GLY B 222 -7.84 -0.69 26.50
CA GLY B 222 -6.42 -0.35 26.55
C GLY B 222 -5.77 -0.38 25.17
N ILE B 223 -4.72 0.41 25.03
CA ILE B 223 -4.12 0.72 23.74
C ILE B 223 -3.51 -0.57 23.14
N TYR B 224 -3.76 -0.80 21.85
CA TYR B 224 -3.29 -1.98 21.11
C TYR B 224 -3.77 -3.32 21.67
N ASN B 225 -4.85 -3.29 22.43
CA ASN B 225 -5.58 -4.49 22.79
C ASN B 225 -6.88 -4.54 21.99
N SER B 226 -6.74 -4.21 20.71
CA SER B 226 -7.81 -4.30 19.73
C SER B 226 -7.11 -4.54 18.39
N PRO B 227 -7.82 -5.09 17.41
CA PRO B 227 -7.06 -5.59 16.26
C PRO B 227 -6.41 -4.52 15.43
N LEU B 228 -5.24 -4.82 14.91
CA LEU B 228 -4.54 -3.86 14.08
C LEU B 228 -3.81 -4.58 12.97
N ILE B 229 -3.75 -3.93 11.82
CA ILE B 229 -3.13 -4.51 10.65
C ILE B 229 -2.16 -3.51 10.03
N ILE B 230 -0.90 -3.90 9.90
CA ILE B 230 0.12 -2.99 9.41
C ILE B 230 0.99 -3.62 8.33
N PRO B 231 0.79 -3.18 7.09
CA PRO B 231 1.62 -3.67 6.01
C PRO B 231 3.07 -3.31 6.26
N GLY B 232 3.97 -4.28 6.11
CA GLY B 232 5.39 -4.05 6.29
C GLY B 232 6.04 -3.93 4.94
N LEU B 233 7.35 -4.05 4.91
CA LEU B 233 8.06 -3.96 3.66
C LEU B 233 7.78 -5.20 2.81
N GLN B 234 7.86 -6.39 3.40
CA GLN B 234 7.66 -7.62 2.63
C GLN B 234 6.73 -8.64 3.28
N ALA B 235 5.96 -8.20 4.24
CA ALA B 235 5.00 -9.04 4.90
C ALA B 235 4.07 -8.09 5.66
N VAL B 236 3.12 -8.64 6.39
CA VAL B 236 2.13 -7.80 7.06
C VAL B 236 2.14 -8.19 8.53
N THR B 237 2.01 -7.21 9.40
CA THR B 237 1.92 -7.48 10.82
C THR B 237 0.47 -7.41 11.29
N LEU B 238 0.09 -8.42 12.07
CA LEU B 238 -1.23 -8.56 12.63
C LEU B 238 -1.09 -8.58 14.14
N GLY B 239 -1.85 -7.73 14.82
CA GLY B 239 -1.78 -7.66 16.25
C GLY B 239 -3.14 -7.46 16.90
N GLY B 240 -3.12 -7.32 18.23
CA GLY B 240 -4.33 -7.09 19.00
C GLY B 240 -4.20 -7.40 20.48
N THR B 241 -2.97 -7.54 20.98
CA THR B 241 -2.73 -7.68 22.40
C THR B 241 -1.56 -6.81 22.83
N PHE B 242 -1.68 -6.25 24.02
CA PHE B 242 -0.64 -5.43 24.58
C PHE B 242 -0.89 -5.36 26.07
N GLN B 243 -0.54 -6.42 26.79
CA GLN B 243 -0.86 -6.54 28.22
C GLN B 243 0.38 -6.23 29.08
N VAL B 244 0.27 -5.24 29.96
CA VAL B 244 1.44 -4.82 30.74
C VAL B 244 1.60 -5.71 31.98
N GLY B 245 2.85 -5.96 32.35
CA GLY B 245 3.17 -6.76 33.53
C GLY B 245 3.53 -8.21 33.28
N ASN B 246 3.20 -8.71 32.10
CA ASN B 246 3.44 -10.12 31.80
C ASN B 246 4.85 -10.32 31.24
N TRP B 247 5.64 -11.15 31.90
CA TRP B 247 7.04 -11.36 31.50
C TRP B 247 7.24 -12.65 30.69
N ASN B 248 6.16 -13.23 30.20
CA ASN B 248 6.25 -14.45 29.42
C ASN B 248 6.77 -14.22 27.98
N GLU B 249 7.93 -14.77 27.66
CA GLU B 249 8.57 -14.54 26.36
C GLU B 249 8.06 -15.46 25.25
N ILE B 250 7.30 -16.49 25.64
CA ILE B 250 6.81 -17.50 24.72
C ILE B 250 5.45 -17.10 24.14
N ASN B 251 5.20 -17.49 22.89
CA ASN B 251 3.88 -17.31 22.28
C ASN B 251 2.81 -18.11 22.98
N ASN B 252 1.61 -17.55 23.01
CA ASN B 252 0.50 -18.13 23.74
C ASN B 252 -0.69 -18.36 22.80
N ILE B 253 -1.44 -19.40 23.09
CA ILE B 253 -2.46 -19.90 22.19
C ILE B 253 -3.63 -18.93 22.19
N GLN B 254 -3.97 -18.41 23.36
CA GLN B 254 -5.14 -17.56 23.47
C GLN B 254 -4.92 -16.24 22.73
N ASP B 255 -3.66 -15.81 22.70
CA ASP B 255 -3.31 -14.56 22.05
C ASP B 255 -3.29 -14.75 20.53
N HIS B 256 -2.70 -15.85 20.08
CA HIS B 256 -2.81 -16.22 18.68
C HIS B 256 -4.24 -16.11 18.18
N ASN B 257 -5.19 -16.61 18.98
CA ASN B 257 -6.59 -16.63 18.60
C ASN B 257 -7.18 -15.22 18.57
N THR B 258 -6.94 -14.46 19.61
CA THR B 258 -7.45 -13.09 19.68
C THR B 258 -6.98 -12.27 18.47
N ILE B 259 -5.75 -12.51 18.03
CA ILE B 259 -5.19 -11.73 16.92
C ILE B 259 -5.79 -12.21 15.61
N TRP B 260 -5.72 -13.51 15.37
CA TRP B 260 -6.23 -14.08 14.12
C TRP B 260 -7.72 -13.82 13.88
N GLU B 261 -8.56 -14.01 14.89
CA GLU B 261 -9.99 -13.85 14.69
C GLU B 261 -10.34 -12.39 14.57
N GLY B 262 -9.72 -11.59 15.41
CA GLY B 262 -9.96 -10.15 15.40
C GLY B 262 -9.60 -9.56 14.06
N CYS B 263 -8.44 -9.94 13.55
CA CYS B 263 -8.00 -9.41 12.28
C CYS B 263 -8.76 -10.04 11.10
N CYS B 264 -9.08 -11.35 11.19
CA CYS B 264 -9.83 -12.02 10.11
C CYS B 264 -11.19 -11.32 9.99
N ARG B 265 -11.73 -10.82 11.10
CA ARG B 265 -13.04 -10.18 11.07
C ARG B 265 -12.92 -8.77 10.52
N LEU B 266 -11.81 -8.14 10.84
CA LEU B 266 -11.49 -6.83 10.35
C LEU B 266 -11.24 -6.93 8.86
N GLU B 267 -10.38 -7.86 8.49
CA GLU B 267 -9.96 -7.97 7.11
C GLU B 267 -10.15 -9.41 6.66
N PRO B 268 -11.35 -9.73 6.17
CA PRO B 268 -11.71 -11.10 5.81
C PRO B 268 -10.85 -11.76 4.74
N THR B 269 -10.18 -10.96 3.91
CA THR B 269 -9.38 -11.52 2.84
C THR B 269 -8.20 -12.27 3.43
N LEU B 270 -7.97 -12.08 4.72
CA LEU B 270 -6.85 -12.74 5.40
C LEU B 270 -6.98 -14.27 5.31
N LYS B 271 -8.16 -14.74 4.93
CA LYS B 271 -8.40 -16.18 4.84
C LYS B 271 -7.38 -16.87 3.96
N ASP B 272 -6.78 -16.14 3.03
CA ASP B 272 -5.81 -16.74 2.14
C ASP B 272 -4.38 -16.28 2.41
N ALA B 273 -4.17 -15.58 3.53
CA ALA B 273 -2.84 -15.14 3.84
C ALA B 273 -2.10 -16.29 4.45
N LYS B 274 -0.85 -16.49 4.06
CA LYS B 274 -0.07 -17.56 4.66
C LYS B 274 0.68 -17.04 5.87
N ILE B 275 0.56 -17.76 6.98
CA ILE B 275 1.26 -17.41 8.20
C ILE B 275 2.74 -17.69 8.03
N VAL B 276 3.55 -16.69 8.35
CA VAL B 276 4.97 -16.74 8.05
C VAL B 276 5.79 -16.81 9.34
N GLY B 277 5.19 -16.33 10.43
CA GLY B 277 5.90 -16.25 11.69
C GLY B 277 5.06 -15.62 12.79
N GLU B 278 5.36 -15.99 14.03
CA GLU B 278 4.64 -15.45 15.17
C GLU B 278 5.60 -15.11 16.30
N TYR B 279 5.49 -13.89 16.83
CA TYR B 279 6.47 -13.42 17.80
C TYR B 279 5.84 -12.74 19.00
N THR B 280 6.70 -12.53 20.00
CA THR B 280 6.32 -11.89 21.24
C THR B 280 7.42 -10.91 21.67
N GLY B 281 7.05 -9.65 21.87
CA GLY B 281 8.00 -8.65 22.27
C GLY B 281 7.57 -8.00 23.57
N PHE B 282 8.50 -7.28 24.19
CA PHE B 282 8.21 -6.54 25.41
C PHE B 282 8.52 -5.10 25.19
N GLY B 283 7.49 -4.29 25.21
CA GLY B 283 7.62 -2.86 25.18
C GLY B 283 8.06 -2.32 26.55
N PRO B 284 9.06 -1.42 26.60
CA PRO B 284 9.43 -0.90 27.91
C PRO B 284 8.45 0.19 28.35
N VAL B 285 7.39 -0.23 29.01
CA VAL B 285 6.31 0.65 29.40
C VAL B 285 6.72 1.42 30.65
N ARG B 286 6.46 2.72 30.65
CA ARG B 286 6.85 3.61 31.73
C ARG B 286 5.97 4.85 31.65
N PRO B 287 5.62 5.43 32.81
CA PRO B 287 4.77 6.61 32.72
C PRO B 287 5.42 7.67 31.83
N GLN B 288 6.73 7.60 31.77
CA GLN B 288 7.49 8.65 31.15
C GLN B 288 8.78 8.03 30.70
N VAL B 289 9.31 8.49 29.57
CA VAL B 289 10.60 8.00 29.12
C VAL B 289 11.66 8.48 30.09
N ARG B 290 12.58 7.61 30.47
CA ARG B 290 13.68 8.06 31.28
C ARG B 290 14.79 8.51 30.36
N LEU B 291 14.96 9.82 30.25
CA LEU B 291 16.02 10.37 29.45
C LEU B 291 16.61 11.49 30.29
N GLU B 292 17.55 11.10 31.14
CA GLU B 292 18.21 12.05 32.01
C GLU B 292 19.64 11.58 32.28
N ARG B 293 20.44 12.48 32.82
CA ARG B 293 21.76 12.05 33.18
C ARG B 293 22.00 11.88 34.67
N GLU B 294 22.92 10.98 34.98
CA GLU B 294 23.15 10.54 36.34
C GLU B 294 24.64 10.36 36.56
N GLN B 295 25.07 10.64 37.77
CA GLN B 295 26.49 10.64 38.10
C GLN B 295 26.78 9.42 38.95
N LEU B 296 27.61 8.51 38.47
CA LEU B 296 27.99 7.35 39.28
C LEU B 296 29.48 7.37 39.63
N ARG B 297 29.76 6.83 40.82
CA ARG B 297 31.06 7.00 41.43
C ARG B 297 31.67 5.66 41.79
N PHE B 298 32.74 5.32 41.08
CA PHE B 298 33.50 4.11 41.36
C PHE B 298 34.95 4.53 41.19
N GLY B 299 35.83 3.97 42.00
CA GLY B 299 37.24 4.31 41.92
C GLY B 299 37.45 5.80 41.73
N SER B 300 38.20 6.16 40.70
CA SER B 300 38.74 7.49 40.58
C SER B 300 37.98 8.36 39.59
N SER B 301 37.75 7.83 38.39
CA SER B 301 36.98 8.55 37.40
C SER B 301 35.57 8.57 37.90
N ASN B 302 34.96 9.74 37.86
CA ASN B 302 33.52 9.77 37.89
C ASN B 302 33.08 9.40 36.48
N THR B 303 32.08 8.55 36.40
CA THR B 303 31.58 8.12 35.12
C THR B 303 30.17 8.63 34.97
N GLU B 304 29.84 9.11 33.79
CA GLU B 304 28.56 9.72 33.55
C GLU B 304 27.63 8.76 32.80
N VAL B 305 26.44 8.53 33.34
CA VAL B 305 25.46 7.70 32.68
C VAL B 305 24.32 8.56 32.17
N ILE B 306 23.96 8.36 30.91
CA ILE B 306 22.77 9.00 30.36
C ILE B 306 21.79 7.93 29.96
N HIS B 307 20.66 7.91 30.64
CA HIS B 307 19.66 6.91 30.38
C HIS B 307 18.85 7.33 29.18
N ASN B 308 18.32 6.35 28.48
CA ASN B 308 17.39 6.60 27.39
C ASN B 308 16.56 5.30 27.20
N TYR B 309 15.63 5.09 28.10
CA TYR B 309 14.78 3.89 28.04
C TYR B 309 13.35 4.18 28.49
N GLY B 310 12.45 3.25 28.17
CA GLY B 310 11.05 3.36 28.56
C GLY B 310 10.20 4.02 27.50
N HIS B 311 10.37 3.60 26.25
CA HIS B 311 9.63 4.19 25.15
C HIS B 311 8.37 3.40 24.80
N GLY B 312 7.98 2.52 25.73
CA GLY B 312 6.72 1.79 25.60
C GLY B 312 6.45 1.18 24.24
N GLY B 313 5.28 1.45 23.70
CA GLY B 313 4.92 0.96 22.39
C GLY B 313 5.14 1.98 21.29
N TYR B 314 6.10 2.90 21.49
CA TYR B 314 6.34 3.95 20.49
C TYR B 314 7.81 4.28 20.29
N GLY B 315 8.69 3.31 20.50
CA GLY B 315 10.12 3.53 20.32
C GLY B 315 10.54 3.92 18.91
N LEU B 316 10.01 3.24 17.91
CA LEU B 316 10.32 3.61 16.52
C LEU B 316 9.87 5.05 16.28
N THR B 317 8.72 5.39 16.83
CA THR B 317 8.06 6.67 16.59
C THR B 317 8.79 7.88 17.17
N ILE B 318 9.45 7.68 18.30
CA ILE B 318 10.00 8.79 19.06
C ILE B 318 11.53 8.79 19.06
N HIS B 319 12.13 7.73 18.49
CA HIS B 319 13.54 7.45 18.73
C HIS B 319 14.50 8.59 18.40
N TRP B 320 14.31 9.24 17.27
CA TRP B 320 15.29 10.23 16.85
C TRP B 320 15.33 11.48 17.73
N GLY B 321 14.17 11.97 18.14
CA GLY B 321 14.14 13.09 19.05
C GLY B 321 14.84 12.75 20.35
N CYS B 322 14.78 11.48 20.72
CA CYS B 322 15.36 11.05 21.97
C CYS B 322 16.86 10.95 21.86
N ALA B 323 17.32 10.51 20.71
CA ALA B 323 18.76 10.42 20.46
C ALA B 323 19.32 11.83 20.45
N LEU B 324 18.61 12.71 19.76
CA LEU B 324 19.02 14.10 19.65
C LEU B 324 19.19 14.70 21.05
N GLU B 325 18.29 14.33 21.95
CA GLU B 325 18.33 14.89 23.28
C GLU B 325 19.54 14.35 24.05
N VAL B 326 19.88 13.09 23.84
CA VAL B 326 21.00 12.48 24.53
C VAL B 326 22.31 13.07 24.07
N ALA B 327 22.41 13.35 22.77
CA ALA B 327 23.64 13.88 22.22
C ALA B 327 23.88 15.32 22.67
N LYS B 328 22.84 15.95 23.18
CA LYS B 328 22.94 17.30 23.71
C LYS B 328 23.39 17.25 25.15
N LEU B 329 22.80 16.34 25.92
CA LEU B 329 23.24 16.13 27.29
C LEU B 329 24.72 15.75 27.28
N PHE B 330 25.12 14.97 26.27
CA PHE B 330 26.50 14.56 26.10
C PHE B 330 27.40 15.76 25.85
N GLY B 331 26.89 16.71 25.08
CA GLY B 331 27.62 17.93 24.78
C GLY B 331 27.94 18.66 26.06
N LYS B 332 26.97 18.68 26.98
CA LYS B 332 27.14 19.37 28.24
C LYS B 332 28.24 18.70 29.01
N VAL B 333 28.26 17.38 28.96
CA VAL B 333 29.28 16.62 29.64
C VAL B 333 30.66 16.97 29.12
N LEU B 334 30.78 17.16 27.81
CA LEU B 334 32.05 17.55 27.21
C LEU B 334 32.50 18.91 27.72
N GLU B 335 31.52 19.80 27.82
CA GLU B 335 31.75 21.14 28.26
C GLU B 335 32.46 21.12 29.61
N GLU B 336 31.72 20.70 30.61
CA GLU B 336 32.22 20.64 31.97
C GLU B 336 33.59 20.00 32.07
N ARG B 337 34.04 19.41 30.97
CA ARG B 337 35.32 18.76 30.93
C ARG B 337 36.22 19.48 29.97
N ASN B 338 35.89 20.72 29.70
CA ASN B 338 36.76 21.60 28.92
C ASN B 338 37.35 20.84 27.78
N LEU B 339 36.49 20.04 27.17
CA LEU B 339 36.89 19.10 26.18
C LEU B 339 36.70 19.65 24.77
N LEU B 340 36.27 20.90 24.70
CA LEU B 340 36.22 21.61 23.43
C LEU B 340 36.87 22.99 23.51
N 96B C . -4.86 3.88 -16.60
C3 96B C . -5.06 4.13 -15.14
C 96B C . -3.68 4.25 -14.52
C1 96B C . -2.67 4.13 -15.66
C2 96B C . -3.46 3.42 -16.73
C4 96B C . -2.89 3.46 -18.10
C9 96B C . -3.73 3.40 -19.21
C5 96B C . -1.52 3.40 -18.29
C6 96B C . -0.98 3.35 -19.57
C7 96B C . -1.83 3.34 -20.68
C8 96B C . -3.21 3.36 -20.50
PA FAD D . -9.02 -7.08 -24.49
O1A FAD D . -7.99 -6.81 -25.55
O2A FAD D . -8.61 -7.20 -23.04
O5B FAD D . -9.88 -8.40 -24.87
C5B FAD D . -10.20 -8.54 -26.25
C4B FAD D . -10.79 -9.91 -26.56
O4B FAD D . -11.34 -9.94 -27.90
C3B FAD D . -9.74 -10.99 -26.53
O3B FAD D . -10.32 -12.12 -25.84
C2B FAD D . -9.49 -11.30 -28.00
O2B FAD D . -9.05 -12.64 -28.18
C1B FAD D . -10.87 -11.11 -28.55
N9A FAD D . -11.04 -11.03 -30.02
C8A FAD D . -10.84 -9.96 -30.80
N7A FAD D . -11.15 -10.25 -32.10
C5A FAD D . -11.56 -11.53 -32.14
C6A FAD D . -12.02 -12.48 -33.18
N6A FAD D . -12.12 -12.11 -34.48
N1A FAD D . -12.36 -13.72 -32.79
C2A FAD D . -12.29 -14.13 -31.51
N3A FAD D . -11.88 -13.32 -30.52
C4A FAD D . -11.50 -12.03 -30.77
N1 FAD D . -7.39 0.46 -17.96
C2 FAD D . -7.70 0.72 -16.68
O2 FAD D . -8.90 0.89 -16.37
N3 FAD D . -6.78 0.82 -15.70
C4 FAD D . -5.47 0.67 -15.90
O4 FAD D . -4.62 0.75 -14.97
C4X FAD D . -5.05 0.38 -17.28
N5 FAD D . -3.75 0.21 -17.59
C5X FAD D . -3.38 -0.05 -18.86
C6 FAD D . -2.03 -0.22 -19.12
C7 FAD D . -1.60 -0.52 -20.41
C7M FAD D . -0.13 -0.69 -20.69
C8 FAD D . -2.61 -0.64 -21.50
C8M FAD D . -2.13 -0.94 -22.88
C9 FAD D . -3.96 -0.46 -21.23
C9A FAD D . -4.40 -0.17 -19.95
N10 FAD D . -5.77 0.01 -19.65
C10 FAD D . -6.10 0.28 -18.32
C1' FAD D . -6.83 -0.12 -20.65
C2' FAD D . -7.42 -1.54 -20.63
O2' FAD D . -6.36 -2.52 -20.67
C3' FAD D . -8.38 -1.76 -21.79
O3' FAD D . -9.33 -0.68 -21.88
C4' FAD D . -9.14 -3.08 -21.66
O4' FAD D . -8.24 -4.15 -21.34
C5' FAD D . -9.84 -3.46 -22.95
O5' FAD D . -10.61 -4.63 -22.67
P FAD D . -11.34 -5.48 -23.80
O1P FAD D . -12.18 -4.57 -24.64
O2P FAD D . -11.94 -6.67 -23.11
O3P FAD D . -10.11 -5.90 -24.73
S SO4 E . -21.00 5.33 -31.89
O1 SO4 E . -20.45 5.59 -30.57
O2 SO4 E . -21.35 6.66 -32.46
O3 SO4 E . -20.03 4.70 -32.82
O4 SO4 E . -22.18 4.46 -31.73
N 96B F . 2.60 1.02 17.59
C3 96B F . 2.29 1.85 16.40
C 96B F . 1.21 1.12 15.60
C1 96B F . 0.96 -0.21 16.33
C2 96B F . 2.22 -0.35 17.20
C4 96B F . 2.12 -1.33 18.30
C9 96B F . 2.71 -1.06 19.53
C5 96B F . 1.49 -2.56 18.09
C6 96B F . 1.41 -3.50 19.10
C7 96B F . 1.99 -3.22 20.33
C8 96B F . 2.64 -2.00 20.56
PA FAD G . 15.08 -3.21 22.54
O1A FAD G . 14.53 -4.37 23.35
O2A FAD G . 14.65 -3.15 21.08
O5B FAD G . 16.67 -3.19 22.65
C5B FAD G . 17.21 -3.32 23.96
C4B FAD G . 18.68 -3.67 23.84
O4B FAD G . 19.28 -3.64 25.12
C3B FAD G . 18.89 -5.06 23.30
O3B FAD G . 19.88 -4.99 22.28
C2B FAD G . 19.39 -5.86 24.48
O2B FAD G . 20.28 -6.90 24.09
C1B FAD G . 20.12 -4.78 25.25
N9A FAD G . 20.38 -5.04 26.67
C8A FAD G . 19.53 -4.88 27.70
N7A FAD G . 20.15 -5.18 28.88
C5A FAD G . 21.42 -5.51 28.60
C6A FAD G . 22.60 -5.95 29.35
N6A FAD G . 22.55 -6.06 30.69
N1A FAD G . 23.75 -6.21 28.68
C2A FAD G . 23.81 -6.08 27.34
N3A FAD G . 22.77 -5.70 26.59
C4A FAD G . 21.57 -5.41 27.15
N1 FAD G . 6.88 1.11 18.27
C2 FAD G . 6.58 1.91 17.21
O2 FAD G . 7.04 3.09 17.22
N3 FAD G . 5.80 1.48 16.19
C4 FAD G . 5.30 0.25 16.14
O4 FAD G . 4.60 -0.16 15.19
C4X FAD G . 5.57 -0.67 17.25
N5 FAD G . 5.06 -1.92 17.27
C5X FAD G . 5.36 -2.73 18.31
C6 FAD G . 4.85 -4.01 18.34
C7 FAD G . 5.13 -4.86 19.40
C7M FAD G . 4.58 -6.26 19.41
C8 FAD G . 5.98 -4.39 20.52
C8M FAD G . 6.30 -5.30 21.68
C9 FAD G . 6.49 -3.10 20.49
C9A FAD G . 6.22 -2.26 19.43
N10 FAD G . 6.73 -0.96 19.41
C10 FAD G . 6.43 -0.15 18.32
C1' FAD G . 7.56 -0.41 20.48
C2' FAD G . 9.02 -0.56 20.12
O2' FAD G . 9.13 -1.86 19.55
C3' FAD G . 9.86 -0.40 21.39
O3' FAD G . 9.52 0.80 22.10
C4' FAD G . 11.33 -0.38 21.06
O4' FAD G . 11.56 -1.45 20.13
C5' FAD G . 12.24 -0.52 22.30
O5' FAD G . 13.56 -0.27 21.82
P FAD G . 14.86 -0.36 22.73
O1P FAD G . 14.61 0.59 23.87
O2P FAD G . 16.07 -0.21 21.85
O3P FAD G . 14.84 -1.83 23.34
S SO4 H . 31.21 13.89 9.76
O1 SO4 H . 32.14 14.53 8.81
O2 SO4 H . 30.36 14.94 10.38
O3 SO4 H . 31.97 13.17 10.81
O4 SO4 H . 30.33 12.95 9.01
S SO4 I . 21.90 -10.32 9.73
O1 SO4 I . 21.51 -9.00 10.29
O2 SO4 I . 22.12 -10.12 8.27
O3 SO4 I . 23.17 -10.76 10.37
O4 SO4 I . 20.86 -11.35 10.01
#